data_4Q0L
#
_entry.id   4Q0L
#
_cell.length_a   46.520
_cell.length_b   75.211
_cell.length_c   77.888
_cell.angle_alpha   109.420
_cell.angle_beta   101.600
_cell.angle_gamma   107.950
#
_symmetry.space_group_name_H-M   'P 1'
#
loop_
_entity.id
_entity.type
_entity.pdbx_description
1 polymer 'Carbonic anhydrase 12'
2 non-polymer 'ZINC ION'
3 non-polymer 3-(cyclooctylamino)-2,5,6-trifluoro-4-[(2-hydroxyethyl)sulfonyl]benzenesulfonamide
4 water water
#
_entity_poly.entity_id   1
_entity_poly.type   'polypeptide(L)'
_entity_poly.pdbx_seq_one_letter_code
;MSKWTYFGPDGENSWSKKYPSCGGLLQSPIDLHSDILQYDASLTPLEFQGYNLSANKQFLLTNNGHSVKLNLPSDMHIQG
LQSRYSATQLHLHWGNPNDPHGSEHTVSGQHFAAELHIVHYNSDLYPDASTASNKSEGLAVLAVLIEMGSFNPSYDKIFS
HLQHVKYKGQEAFVPGFNIEELLPERTAEYYRYRGSLTTPPCNPTVLWTVFRNPVQISQEQLLALETALYCTHMDDPSPR
EMINNFRQVQKFDERLVYTSFSQ
;
_entity_poly.pdbx_strand_id   A,B,C,D
#
loop_
_chem_comp.id
_chem_comp.type
_chem_comp.name
_chem_comp.formula
V14 non-polymer 3-(cyclooctylamino)-2,5,6-trifluoro-4-[(2-hydroxyethyl)sulfonyl]benzenesulfonamide 'C16 H23 F3 N2 O5 S2'
ZN non-polymer 'ZINC ION' 'Zn 2'
#
# COMPACT_ATOMS: atom_id res chain seq x y z
N LYS A 3 -25.95 2.44 36.58
CA LYS A 3 -24.45 2.42 36.62
C LYS A 3 -23.81 1.87 35.31
N TRP A 4 -23.05 2.72 34.64
CA TRP A 4 -22.36 2.34 33.40
C TRP A 4 -20.88 2.61 33.52
N THR A 5 -20.08 1.75 32.92
CA THR A 5 -18.60 1.78 33.02
C THR A 5 -18.03 1.73 31.63
N TYR A 6 -16.69 1.72 31.56
CA TYR A 6 -15.92 1.42 30.35
C TYR A 6 -15.21 0.10 30.44
N PHE A 7 -15.50 -0.67 31.46
CA PHE A 7 -14.94 -2.01 31.52
C PHE A 7 -15.87 -2.96 32.22
N GLY A 8 -16.05 -4.15 31.65
CA GLY A 8 -16.90 -5.15 32.28
C GLY A 8 -18.27 -5.35 31.65
N PRO A 9 -19.18 -5.92 32.43
CA PRO A 9 -20.54 -6.25 31.96
C PRO A 9 -21.44 -5.04 31.88
N ASP A 10 -21.03 -3.94 32.51
CA ASP A 10 -21.76 -2.70 32.44
C ASP A 10 -21.05 -1.80 31.49
N GLY A 11 -20.11 -2.44 30.76
CA GLY A 11 -19.24 -1.80 29.77
C GLY A 11 -20.00 -1.36 28.54
N GLU A 12 -19.24 -0.88 27.55
CA GLU A 12 -19.82 -0.11 26.47
C GLU A 12 -20.77 -0.90 25.56
N ASN A 13 -20.48 -2.19 25.40
CA ASN A 13 -21.32 -3.08 24.66
C ASN A 13 -22.69 -3.26 25.30
N SER A 14 -22.77 -3.06 26.60
CA SER A 14 -24.05 -3.18 27.33
C SER A 14 -24.77 -1.84 27.52
N TRP A 15 -24.13 -0.71 27.19
CA TRP A 15 -24.84 0.55 27.35
C TRP A 15 -26.21 0.60 26.73
N SER A 16 -26.35 0.10 25.50
CA SER A 16 -27.66 0.01 24.83
C SER A 16 -28.77 -0.56 25.69
N LYS A 17 -28.41 -1.36 26.71
CA LYS A 17 -29.45 -2.05 27.49
C LYS A 17 -30.35 -1.01 28.16
N LYS A 18 -29.75 -0.01 28.78
CA LYS A 18 -30.56 0.97 29.55
C LYS A 18 -30.67 2.29 28.79
N TYR A 19 -29.76 2.46 27.83
CA TYR A 19 -29.66 3.68 27.07
C TYR A 19 -29.80 3.40 25.57
N PRO A 20 -31.05 3.42 25.02
CA PRO A 20 -31.21 2.81 23.71
C PRO A 20 -30.39 3.51 22.66
N SER A 21 -30.20 4.83 22.78
CA SER A 21 -29.44 5.58 21.77
C SER A 21 -28.03 5.13 21.52
N CYS A 22 -27.42 4.52 22.52
CA CYS A 22 -26.10 3.94 22.40
C CYS A 22 -26.10 2.84 21.35
N GLY A 23 -27.27 2.29 21.07
CA GLY A 23 -27.35 1.23 20.08
C GLY A 23 -27.96 1.81 18.85
N GLY A 24 -27.85 3.15 18.67
CA GLY A 24 -28.61 3.84 17.62
C GLY A 24 -27.79 4.42 16.49
N LEU A 25 -28.33 5.46 15.84
CA LEU A 25 -27.77 6.06 14.63
C LEU A 25 -26.75 7.18 14.96
N LEU A 26 -25.86 7.49 14.01
CA LEU A 26 -24.95 8.67 14.09
C LEU A 26 -24.02 8.61 15.36
N GLN A 27 -23.55 7.41 15.72
CA GLN A 27 -22.70 7.24 16.90
C GLN A 27 -21.26 7.72 16.72
N SER A 28 -20.72 8.20 17.84
CA SER A 28 -19.44 8.81 17.95
C SER A 28 -18.63 8.05 18.96
N PRO A 29 -17.29 8.13 18.88
CA PRO A 29 -16.42 8.80 17.95
C PRO A 29 -16.25 7.96 16.67
N ILE A 30 -15.40 8.42 15.79
CA ILE A 30 -15.15 7.74 14.55
C ILE A 30 -13.68 7.77 14.27
N ASP A 31 -13.25 6.81 13.44
CA ASP A 31 -11.90 6.88 12.85
C ASP A 31 -11.86 7.82 11.69
N LEU A 32 -10.94 8.78 11.76
CA LEU A 32 -10.80 9.81 10.71
C LEU A 32 -9.79 9.32 9.70
N HIS A 33 -10.29 8.90 8.54
CA HIS A 33 -9.48 8.36 7.44
C HIS A 33 -9.99 8.77 6.09
N SER A 34 -9.10 8.80 5.10
CA SER A 34 -9.35 9.49 3.84
C SER A 34 -10.60 9.09 3.08
N ASP A 35 -11.02 7.83 3.20
CA ASP A 35 -12.14 7.32 2.43
C ASP A 35 -13.49 8.02 2.77
N ILE A 36 -13.63 8.49 4.01
CA ILE A 36 -14.86 9.14 4.47
C ILE A 36 -14.70 10.68 4.56
N LEU A 37 -13.55 11.19 4.12
CA LEU A 37 -13.25 12.59 4.22
C LEU A 37 -13.61 13.31 2.91
N GLN A 38 -14.11 14.52 3.05
CA GLN A 38 -14.48 15.36 1.93
C GLN A 38 -14.13 16.83 2.28
N TYR A 39 -13.36 17.50 1.42
CA TYR A 39 -13.06 18.91 1.60
C TYR A 39 -14.29 19.73 1.30
N ASP A 40 -14.52 20.70 2.18
CA ASP A 40 -15.66 21.57 2.06
C ASP A 40 -15.20 23.00 2.29
N ALA A 41 -15.21 23.80 1.24
CA ALA A 41 -14.58 25.13 1.33
C ALA A 41 -15.53 26.20 1.89
N SER A 42 -16.77 25.78 2.19
CA SER A 42 -17.71 26.61 2.92
C SER A 42 -17.42 26.57 4.41
N LEU A 43 -16.43 25.76 4.78
CA LEU A 43 -15.98 25.62 6.17
C LEU A 43 -15.00 26.74 6.60
N THR A 44 -15.54 27.67 7.37
CA THR A 44 -14.86 28.89 7.82
C THR A 44 -14.32 28.78 9.26
N PRO A 45 -13.26 29.54 9.60
CA PRO A 45 -12.77 29.44 10.97
C PRO A 45 -13.89 29.73 11.94
N LEU A 46 -13.89 29.01 13.06
CA LEU A 46 -14.70 29.38 14.23
C LEU A 46 -14.07 30.58 14.93
N GLU A 47 -14.91 31.36 15.59
CA GLU A 47 -14.46 32.33 16.57
C GLU A 47 -14.91 31.99 17.99
N PHE A 48 -14.02 32.23 18.96
CA PHE A 48 -14.23 31.87 20.34
C PHE A 48 -14.41 33.16 21.16
N GLN A 49 -15.56 33.28 21.83
CA GLN A 49 -15.91 34.46 22.62
C GLN A 49 -16.08 34.17 24.08
N GLY A 50 -15.49 35.03 24.93
CA GLY A 50 -15.72 34.88 26.35
C GLY A 50 -15.05 33.62 26.86
N TYR A 51 -13.99 33.18 26.15
CA TYR A 51 -13.10 32.08 26.60
C TYR A 51 -12.21 32.54 27.75
N ASN A 52 -11.97 33.85 27.84
CA ASN A 52 -11.10 34.36 28.91
C ASN A 52 -11.86 34.50 30.22
N LEU A 53 -11.88 33.43 31.01
CA LEU A 53 -12.63 33.40 32.27
C LEU A 53 -11.86 34.20 33.28
N SER A 54 -12.56 34.86 34.20
CA SER A 54 -11.81 35.73 35.14
C SER A 54 -10.95 34.90 36.06
N ALA A 55 -9.65 35.23 36.10
CA ALA A 55 -8.71 34.67 37.11
C ALA A 55 -9.17 34.95 38.54
N ASN A 56 -9.82 36.10 38.72
CA ASN A 56 -10.39 36.49 40.01
C ASN A 56 -11.75 35.81 40.25
N LYS A 57 -12.06 34.80 39.43
CA LYS A 57 -13.16 33.91 39.74
C LYS A 57 -12.75 32.46 39.53
N GLN A 58 -13.54 31.56 40.10
CA GLN A 58 -13.21 30.13 40.19
C GLN A 58 -14.32 29.27 39.60
N PHE A 59 -13.94 28.21 38.90
CA PHE A 59 -14.93 27.39 38.23
C PHE A 59 -14.91 25.97 38.71
N LEU A 60 -16.11 25.42 38.94
CA LEU A 60 -16.36 24.11 39.51
C LEU A 60 -15.90 22.91 38.67
N LEU A 61 -14.85 22.27 39.21
CA LEU A 61 -14.32 20.97 38.80
C LEU A 61 -15.03 19.84 39.56
N THR A 62 -15.41 18.81 38.80
CA THR A 62 -16.16 17.68 39.31
C THR A 62 -15.64 16.36 38.70
N ASN A 63 -15.22 15.44 39.57
CA ASN A 63 -15.04 14.03 39.22
C ASN A 63 -16.46 13.48 39.27
N ASN A 64 -17.06 13.15 38.13
CA ASN A 64 -18.44 12.60 38.17
C ASN A 64 -18.54 11.05 38.18
N GLY A 65 -17.47 10.35 38.50
CA GLY A 65 -17.48 8.87 38.46
C GLY A 65 -17.25 8.28 37.07
N HIS A 66 -17.08 9.16 36.06
CA HIS A 66 -16.87 8.77 34.68
C HIS A 66 -15.82 9.59 34.01
N SER A 67 -15.61 10.81 34.50
CA SER A 67 -14.58 11.68 33.96
C SER A 67 -14.37 12.82 34.97
N VAL A 68 -13.42 13.69 34.70
CA VAL A 68 -13.25 14.93 35.47
C VAL A 68 -13.73 16.07 34.56
N LYS A 69 -14.69 16.84 35.07
CA LYS A 69 -15.29 17.89 34.29
C LYS A 69 -15.11 19.26 34.97
N LEU A 70 -14.93 20.29 34.13
CA LEU A 70 -14.97 21.68 34.59
C LEU A 70 -16.19 22.32 33.99
N ASN A 71 -17.03 22.87 34.85
CA ASN A 71 -18.19 23.63 34.41
C ASN A 71 -17.80 24.97 33.91
N LEU A 72 -18.56 25.44 32.92
CA LEU A 72 -18.24 26.69 32.23
C LEU A 72 -19.48 27.59 32.07
N PRO A 73 -19.25 28.92 31.98
CA PRO A 73 -20.36 29.84 32.05
C PRO A 73 -20.89 30.06 30.65
N SER A 74 -22.21 30.23 30.55
CA SER A 74 -22.96 30.18 29.32
C SER A 74 -22.66 31.38 28.46
N ASP A 75 -21.97 32.38 29.04
CA ASP A 75 -21.59 33.57 28.33
C ASP A 75 -20.42 33.25 27.38
N MET A 76 -19.63 32.21 27.69
CA MET A 76 -18.61 31.73 26.78
C MET A 76 -19.42 31.04 25.68
N HIS A 77 -19.18 31.39 24.42
CA HIS A 77 -19.87 30.76 23.27
C HIS A 77 -18.93 30.74 22.09
N ILE A 78 -19.25 29.94 21.07
CA ILE A 78 -18.54 29.94 19.80
C ILE A 78 -19.43 30.56 18.75
N GLN A 79 -18.81 31.11 17.71
CA GLN A 79 -19.52 31.72 16.58
C GLN A 79 -18.90 31.12 15.31
N GLY A 80 -19.63 31.09 14.19
CA GLY A 80 -19.16 30.40 12.99
C GLY A 80 -19.92 29.11 12.71
N LEU A 81 -20.79 28.70 13.63
CA LEU A 81 -21.80 27.64 13.35
C LEU A 81 -23.18 28.29 13.14
N GLN A 82 -24.18 27.51 12.76
CA GLN A 82 -25.48 28.05 12.31
C GLN A 82 -26.28 28.85 13.37
N SER A 83 -26.17 28.43 14.64
CA SER A 83 -26.84 29.07 15.76
C SER A 83 -25.78 29.46 16.76
N ARG A 84 -26.17 30.13 17.84
CA ARG A 84 -25.25 30.34 18.96
C ARG A 84 -24.98 29.08 19.76
N TYR A 85 -23.73 28.75 19.93
CA TYR A 85 -23.43 27.67 20.86
C TYR A 85 -22.64 28.13 22.11
N SER A 86 -23.30 28.02 23.26
CA SER A 86 -22.76 28.49 24.54
C SER A 86 -22.18 27.30 25.33
N ALA A 87 -20.98 27.52 25.89
CA ALA A 87 -20.28 26.59 26.72
C ALA A 87 -21.12 26.08 27.86
N THR A 88 -20.90 24.81 28.20
CA THR A 88 -21.48 24.24 29.40
C THR A 88 -20.44 23.54 30.25
N GLN A 89 -19.49 22.85 29.62
CA GLN A 89 -18.45 22.07 30.34
C GLN A 89 -17.30 21.59 29.44
N LEU A 90 -16.14 21.35 30.04
CA LEU A 90 -15.10 20.57 29.39
C LEU A 90 -14.75 19.34 30.22
N HIS A 91 -14.24 18.34 29.52
CA HIS A 91 -13.73 17.13 30.15
C HIS A 91 -12.71 16.45 29.29
N LEU A 92 -12.10 15.40 29.83
CA LEU A 92 -11.08 14.67 29.13
C LEU A 92 -11.44 13.13 29.08
N HIS A 93 -10.84 12.44 28.14
CA HIS A 93 -10.80 10.96 28.13
C HIS A 93 -9.37 10.61 27.91
N TRP A 94 -8.98 9.43 28.40
CA TRP A 94 -7.59 8.99 28.31
C TRP A 94 -7.50 7.48 28.53
N GLY A 95 -6.28 6.96 28.46
CA GLY A 95 -6.06 5.51 28.50
C GLY A 95 -5.45 5.10 29.83
N ASN A 96 -4.28 4.46 29.75
CA ASN A 96 -3.63 3.96 30.96
C ASN A 96 -2.13 3.82 30.74
N PRO A 97 -1.37 3.68 31.82
CA PRO A 97 0.09 3.77 31.69
C PRO A 97 0.66 2.62 30.86
N ASN A 98 -0.06 1.50 30.84
CA ASN A 98 0.31 0.35 29.99
C ASN A 98 0.07 0.60 28.50
N ASP A 99 -0.93 1.42 28.22
CA ASP A 99 -1.33 1.65 26.87
C ASP A 99 -1.79 3.09 26.79
N PRO A 100 -0.85 4.05 26.85
CA PRO A 100 -1.20 5.46 26.92
C PRO A 100 -1.68 6.00 25.54
N HIS A 101 -2.82 5.48 25.09
CA HIS A 101 -3.41 5.84 23.81
C HIS A 101 -4.90 5.73 24.03
N GLY A 102 -5.47 6.79 24.59
CA GLY A 102 -6.87 6.77 24.99
C GLY A 102 -7.68 7.94 24.47
N SER A 103 -7.27 8.50 23.33
CA SER A 103 -8.14 9.45 22.64
C SER A 103 -9.40 8.67 22.28
N GLU A 104 -10.42 9.42 21.97
CA GLU A 104 -11.62 8.82 21.40
C GLU A 104 -11.62 8.75 19.87
N HIS A 105 -11.45 9.88 19.22
CA HIS A 105 -11.33 9.86 17.75
C HIS A 105 -9.98 9.37 17.45
N THR A 106 -9.82 8.76 16.28
CA THR A 106 -8.53 8.27 15.82
C THR A 106 -8.36 8.83 14.45
N VAL A 107 -7.12 8.90 13.99
CA VAL A 107 -6.81 9.54 12.73
C VAL A 107 -5.97 8.58 11.90
N SER A 108 -6.50 8.11 10.76
CA SER A 108 -5.90 6.99 9.98
C SER A 108 -5.52 5.82 10.90
N GLY A 109 -6.39 5.60 11.89
CA GLY A 109 -6.27 4.48 12.81
C GLY A 109 -5.42 4.70 14.04
N GLN A 110 -4.84 5.89 14.18
CA GLN A 110 -3.95 6.15 15.29
C GLN A 110 -4.70 6.76 16.46
N HIS A 111 -4.55 6.13 17.60
CA HIS A 111 -5.02 6.67 18.85
C HIS A 111 -4.02 7.67 19.32
N PHE A 112 -4.49 8.87 19.66
CA PHE A 112 -3.62 9.86 20.34
C PHE A 112 -3.59 9.54 21.83
N ALA A 113 -2.91 10.35 22.66
CA ALA A 113 -2.76 10.00 24.08
C ALA A 113 -4.02 10.19 24.90
N ALA A 114 -4.71 11.27 24.60
CA ALA A 114 -5.93 11.62 25.29
C ALA A 114 -6.65 12.62 24.40
N GLU A 115 -7.83 13.07 24.84
CA GLU A 115 -8.67 13.97 24.06
C GLU A 115 -9.41 14.85 25.04
N LEU A 116 -9.48 16.11 24.70
CA LEU A 116 -10.11 17.14 25.51
C LEU A 116 -11.38 17.52 24.80
N HIS A 117 -12.49 17.58 25.51
CA HIS A 117 -13.76 17.96 24.90
C HIS A 117 -14.36 19.20 25.54
N ILE A 118 -14.72 20.18 24.72
CA ILE A 118 -15.39 21.38 25.22
C ILE A 118 -16.83 21.42 24.71
N VAL A 119 -17.78 21.10 25.60
CA VAL A 119 -19.18 20.90 25.27
C VAL A 119 -19.96 22.23 25.27
N HIS A 120 -20.58 22.55 24.13
CA HIS A 120 -21.46 23.70 23.99
C HIS A 120 -22.85 23.24 23.68
N TYR A 121 -23.83 24.04 24.11
CA TYR A 121 -25.25 23.78 23.84
C TYR A 121 -25.83 24.86 22.96
N ASN A 122 -27.00 24.59 22.38
CA ASN A 122 -27.63 25.50 21.46
C ASN A 122 -28.51 26.56 22.18
N SER A 123 -27.96 27.73 22.47
CA SER A 123 -28.69 28.73 23.28
C SER A 123 -29.52 29.75 22.48
N ASP A 124 -29.56 29.59 21.15
CA ASP A 124 -30.56 30.30 20.36
C ASP A 124 -31.90 29.57 20.48
N LEU A 125 -31.85 28.25 20.68
CA LEU A 125 -33.04 27.40 20.73
C LEU A 125 -33.46 26.86 22.09
N TYR A 126 -32.52 26.61 22.97
CA TYR A 126 -32.81 25.92 24.23
C TYR A 126 -32.34 26.73 25.43
N PRO A 127 -33.06 26.63 26.59
CA PRO A 127 -32.80 27.40 27.81
C PRO A 127 -31.58 26.90 28.58
N ASP A 128 -31.25 25.60 28.43
CA ASP A 128 -29.98 25.06 28.95
C ASP A 128 -29.42 23.84 28.15
N ALA A 129 -28.19 23.43 28.50
CA ALA A 129 -27.49 22.22 28.00
C ALA A 129 -28.21 20.88 28.22
N SER A 130 -28.65 20.64 29.44
CA SER A 130 -29.44 19.46 29.78
C SER A 130 -30.63 19.28 28.82
N THR A 131 -31.37 20.37 28.60
CA THR A 131 -32.54 20.35 27.74
C THR A 131 -32.11 20.15 26.29
N ALA A 132 -31.05 20.87 25.88
CA ALA A 132 -30.54 20.88 24.48
C ALA A 132 -30.02 19.51 24.02
N SER A 133 -29.46 18.76 24.98
CA SER A 133 -28.81 17.45 24.77
C SER A 133 -29.68 16.40 24.14
N ASN A 134 -30.97 16.48 24.43
CA ASN A 134 -31.91 15.51 23.99
C ASN A 134 -32.57 15.96 22.70
N LYS A 135 -32.27 17.18 22.28
CA LYS A 135 -32.91 17.83 21.12
C LYS A 135 -31.99 17.90 19.90
N SER A 136 -32.57 18.06 18.72
CA SER A 136 -31.82 18.02 17.46
C SER A 136 -30.86 19.21 17.35
N GLU A 137 -29.71 18.97 16.72
CA GLU A 137 -28.62 19.95 16.61
C GLU A 137 -28.38 20.73 17.90
N GLY A 138 -28.72 20.08 19.03
CA GLY A 138 -28.72 20.72 20.35
C GLY A 138 -27.36 20.90 21.01
N LEU A 139 -26.40 20.08 20.57
CA LEU A 139 -25.04 20.24 21.05
C LEU A 139 -24.00 20.44 19.97
N ALA A 140 -22.84 20.97 20.42
CA ALA A 140 -21.62 21.10 19.63
C ALA A 140 -20.41 20.87 20.52
N VAL A 141 -19.56 19.94 20.09
CA VAL A 141 -18.39 19.63 20.86
C VAL A 141 -17.12 19.97 20.08
N LEU A 142 -16.20 20.68 20.76
CA LEU A 142 -14.84 20.85 20.21
C LEU A 142 -13.93 19.78 20.78
N ALA A 143 -13.11 19.18 19.93
CA ALA A 143 -12.22 18.09 20.33
C ALA A 143 -10.78 18.44 20.00
N VAL A 144 -9.95 18.40 21.03
CA VAL A 144 -8.58 18.61 20.87
C VAL A 144 -7.85 17.31 21.14
N LEU A 145 -7.07 16.87 20.15
CA LEU A 145 -6.26 15.67 20.28
C LEU A 145 -5.01 16.02 21.07
N ILE A 146 -4.59 15.11 21.95
CA ILE A 146 -3.52 15.32 22.91
C ILE A 146 -2.46 14.25 22.66
N GLU A 147 -1.21 14.68 22.57
CA GLU A 147 -0.11 13.75 22.50
C GLU A 147 0.90 14.01 23.60
N MET A 148 1.82 13.07 23.78
CA MET A 148 2.97 13.20 24.65
C MET A 148 4.05 14.10 24.05
N GLY A 149 4.65 14.91 24.90
CA GLY A 149 5.66 15.85 24.44
C GLY A 149 6.07 16.78 25.57
N SER A 150 6.01 18.08 25.30
CA SER A 150 6.45 19.14 26.23
C SER A 150 5.43 19.38 27.31
N PHE A 151 5.90 19.80 28.49
CA PHE A 151 5.02 20.22 29.57
C PHE A 151 4.08 21.36 29.12
N ASN A 152 2.85 21.40 29.68
CA ASN A 152 1.82 22.32 29.22
C ASN A 152 1.27 23.11 30.35
N PRO A 153 1.70 24.40 30.43
CA PRO A 153 1.35 25.09 31.63
C PRO A 153 -0.15 25.34 31.65
N SER A 154 -0.74 25.55 30.49
CA SER A 154 -2.18 25.80 30.36
C SER A 154 -3.02 24.62 30.84
N TYR A 155 -2.63 23.41 30.44
CA TYR A 155 -3.38 22.22 30.89
C TYR A 155 -3.12 21.98 32.35
N ASP A 156 -1.90 22.24 32.77
CA ASP A 156 -1.67 22.19 34.22
C ASP A 156 -2.65 23.00 35.01
N LYS A 157 -3.13 24.11 34.45
CA LYS A 157 -4.17 24.87 35.16
C LYS A 157 -5.40 24.03 35.54
N ILE A 158 -5.50 22.82 35.00
CA ILE A 158 -6.57 21.89 35.36
C ILE A 158 -6.00 20.71 36.19
N PHE A 159 -4.85 20.21 35.73
CA PHE A 159 -4.27 18.98 36.24
C PHE A 159 -3.77 19.14 37.71
N SER A 160 -3.56 20.39 38.14
CA SER A 160 -3.14 20.65 39.51
C SER A 160 -4.27 20.53 40.56
N HIS A 161 -5.54 20.50 40.13
CA HIS A 161 -6.65 20.41 41.09
C HIS A 161 -7.19 18.99 41.15
N LEU A 162 -6.64 18.13 40.28
CA LEU A 162 -7.03 16.73 40.14
C LEU A 162 -6.82 15.99 41.45
N GLN A 163 -5.59 16.03 41.96
CA GLN A 163 -5.17 15.26 43.12
C GLN A 163 -6.06 15.52 44.36
N HIS A 164 -6.99 16.47 44.19
CA HIS A 164 -7.92 16.90 45.23
C HIS A 164 -9.39 16.64 44.95
N VAL A 165 -9.70 15.98 43.81
CA VAL A 165 -11.05 15.51 43.42
C VAL A 165 -10.98 14.03 42.98
N LYS A 166 -10.30 13.24 43.80
CA LYS A 166 -9.90 11.90 43.41
C LYS A 166 -11.02 10.87 43.26
N TYR A 167 -12.15 11.11 43.96
CA TYR A 167 -13.28 10.15 44.12
C TYR A 167 -14.63 10.66 43.61
N LYS A 168 -15.54 9.72 43.35
CA LYS A 168 -16.85 10.01 42.74
C LYS A 168 -17.65 11.04 43.54
N GLY A 169 -18.28 11.98 42.84
CA GLY A 169 -19.11 13.00 43.45
C GLY A 169 -18.38 14.17 44.09
N GLN A 170 -17.04 14.10 44.14
CA GLN A 170 -16.28 15.15 44.79
C GLN A 170 -16.18 16.40 43.91
N GLU A 171 -16.13 17.57 44.57
CA GLU A 171 -16.19 18.87 43.89
C GLU A 171 -15.09 19.82 44.40
N ALA A 172 -14.50 20.60 43.49
CA ALA A 172 -13.41 21.55 43.80
C ALA A 172 -13.30 22.69 42.76
N PHE A 173 -12.44 23.67 43.02
CA PHE A 173 -12.48 24.96 42.28
C PHE A 173 -11.14 25.35 41.62
N VAL A 174 -11.21 25.69 40.33
CA VAL A 174 -10.04 26.10 39.57
C VAL A 174 -10.23 27.61 39.43
N PRO A 175 -9.15 28.39 39.52
CA PRO A 175 -9.37 29.80 39.21
C PRO A 175 -9.59 29.89 37.70
N GLY A 176 -10.57 30.70 37.29
CA GLY A 176 -10.89 30.90 35.89
C GLY A 176 -9.62 31.21 35.15
N PHE A 177 -9.52 30.72 33.91
CA PHE A 177 -8.38 31.02 33.04
C PHE A 177 -8.84 31.14 31.58
N ASN A 178 -7.91 31.45 30.68
CA ASN A 178 -8.23 31.58 29.27
C ASN A 178 -8.28 30.24 28.48
N ILE A 179 -9.47 29.66 28.40
CA ILE A 179 -9.65 28.38 27.76
C ILE A 179 -9.00 28.29 26.38
N GLU A 180 -8.90 29.39 25.62
CA GLU A 180 -8.28 29.30 24.29
C GLU A 180 -6.85 28.77 24.38
N GLU A 181 -6.25 28.95 25.56
CA GLU A 181 -4.94 28.37 25.89
C GLU A 181 -4.96 26.84 25.75
N LEU A 182 -6.16 26.25 25.81
CA LEU A 182 -6.29 24.80 25.65
C LEU A 182 -6.53 24.37 24.21
N LEU A 183 -6.53 25.34 23.31
CA LEU A 183 -6.71 25.03 21.87
C LEU A 183 -5.37 24.82 21.18
N PRO A 184 -5.36 24.05 20.06
CA PRO A 184 -4.13 23.80 19.28
C PRO A 184 -3.82 24.88 18.26
N GLU A 185 -2.73 24.67 17.52
CA GLU A 185 -2.30 25.55 16.44
C GLU A 185 -3.28 25.41 15.29
N ARG A 186 -3.58 26.53 14.62
CA ARG A 186 -4.36 26.53 13.37
C ARG A 186 -5.78 25.94 13.50
N THR A 187 -6.49 26.30 14.57
CA THR A 187 -7.90 25.92 14.79
C THR A 187 -8.78 26.01 13.54
N ALA A 188 -8.37 26.79 12.52
CA ALA A 188 -9.12 26.89 11.24
C ALA A 188 -9.13 25.55 10.45
N GLU A 189 -8.18 24.69 10.76
CA GLU A 189 -8.03 23.41 10.08
C GLU A 189 -8.66 22.37 10.99
N TYR A 190 -9.79 21.82 10.55
CA TYR A 190 -10.54 20.88 11.40
C TYR A 190 -11.36 19.87 10.63
N TYR A 191 -11.82 18.81 11.31
CA TYR A 191 -12.79 17.83 10.75
C TYR A 191 -14.16 18.15 11.29
N ARG A 192 -15.20 18.08 10.46
CA ARG A 192 -16.54 18.35 10.97
C ARG A 192 -17.50 17.23 10.60
N TYR A 193 -18.36 16.79 11.53
CA TYR A 193 -19.38 15.81 11.15
C TYR A 193 -20.48 15.71 12.21
N ARG A 194 -21.56 15.02 11.86
CA ARG A 194 -22.70 14.84 12.74
C ARG A 194 -22.57 13.54 13.52
N GLY A 195 -22.68 13.64 14.86
CA GLY A 195 -22.43 12.50 15.68
C GLY A 195 -23.29 12.55 16.89
N SER A 196 -22.80 11.94 17.94
CA SER A 196 -23.60 11.72 19.13
C SER A 196 -22.78 12.01 20.38
N LEU A 197 -23.43 12.01 21.54
CA LEU A 197 -22.72 11.94 22.84
C LEU A 197 -22.01 10.58 22.95
N THR A 198 -20.72 10.60 23.28
CA THR A 198 -19.90 9.39 23.33
C THR A 198 -20.08 8.62 24.62
N THR A 199 -20.94 9.14 25.49
CA THR A 199 -21.21 8.50 26.75
C THR A 199 -22.72 8.30 26.82
N PRO A 200 -23.20 7.30 27.56
CA PRO A 200 -24.65 7.35 27.78
C PRO A 200 -25.06 8.77 28.21
N PRO A 201 -26.26 9.24 27.80
CA PRO A 201 -27.19 8.39 27.05
C PRO A 201 -27.02 8.33 25.51
N CYS A 202 -25.87 8.81 25.01
CA CYS A 202 -25.51 8.67 23.57
C CYS A 202 -26.41 9.34 22.53
N ASN A 203 -27.29 10.24 22.97
CA ASN A 203 -28.14 11.00 22.05
C ASN A 203 -27.40 11.40 20.77
N PRO A 204 -28.04 11.21 19.60
CA PRO A 204 -27.43 11.59 18.34
C PRO A 204 -27.62 13.10 18.06
N THR A 205 -27.11 13.94 18.96
CA THR A 205 -27.38 15.37 18.90
C THR A 205 -26.17 16.35 18.75
N VAL A 206 -25.02 15.82 18.31
CA VAL A 206 -23.75 16.56 18.36
C VAL A 206 -23.18 16.89 16.99
N LEU A 207 -22.92 18.18 16.78
CA LEU A 207 -22.02 18.59 15.75
C LEU A 207 -20.58 18.58 16.30
N TRP A 208 -19.78 17.62 15.81
CA TRP A 208 -18.34 17.47 16.16
C TRP A 208 -17.44 18.29 15.33
N THR A 209 -16.53 18.98 15.98
CA THR A 209 -15.40 19.63 15.33
C THR A 209 -14.18 19.09 16.04
N VAL A 210 -13.28 18.46 15.29
CA VAL A 210 -12.08 17.87 15.82
C VAL A 210 -10.97 18.60 15.11
N PHE A 211 -10.12 19.33 15.85
CA PHE A 211 -9.07 20.12 15.20
C PHE A 211 -8.04 19.19 14.60
N ARG A 212 -7.42 19.62 13.50
CA ARG A 212 -6.46 18.80 12.79
C ARG A 212 -5.17 18.59 13.58
N ASN A 213 -4.79 19.65 14.30
CA ASN A 213 -3.54 19.61 15.08
C ASN A 213 -3.66 19.25 16.53
N PRO A 214 -2.75 18.41 17.03
CA PRO A 214 -2.95 18.08 18.45
C PRO A 214 -2.20 19.09 19.32
N VAL A 215 -2.43 19.02 20.64
CA VAL A 215 -1.60 19.70 21.61
C VAL A 215 -0.77 18.68 22.38
N GLN A 216 0.18 19.17 23.15
CA GLN A 216 1.16 18.33 23.79
C GLN A 216 1.14 18.62 25.27
N ILE A 217 1.09 17.58 26.06
CA ILE A 217 1.29 17.69 27.47
C ILE A 217 2.41 16.73 27.73
N SER A 218 3.08 16.85 28.88
CA SER A 218 4.28 16.07 29.10
C SER A 218 3.97 14.63 29.60
N GLN A 219 4.99 13.77 29.55
CA GLN A 219 4.91 12.43 30.14
C GLN A 219 4.29 12.40 31.56
N GLU A 220 4.65 13.38 32.38
CA GLU A 220 4.26 13.38 33.81
C GLU A 220 2.86 13.84 34.03
N GLN A 221 2.45 14.91 33.35
CA GLN A 221 1.05 15.36 33.34
C GLN A 221 0.15 14.25 32.78
N LEU A 222 0.59 13.61 31.71
CA LEU A 222 -0.15 12.47 31.12
C LEU A 222 -0.28 11.33 32.14
N LEU A 223 0.84 10.91 32.75
CA LEU A 223 0.79 9.95 33.86
C LEU A 223 -0.12 10.39 34.99
N ALA A 224 -0.04 11.68 35.35
CA ALA A 224 -0.78 12.26 36.46
C ALA A 224 -2.27 12.13 36.23
N LEU A 225 -2.69 12.45 35.02
CA LEU A 225 -4.10 12.42 34.63
C LEU A 225 -4.63 10.98 34.66
N GLU A 226 -3.82 10.06 34.17
CA GLU A 226 -4.12 8.62 34.17
C GLU A 226 -4.12 7.92 35.54
N THR A 227 -3.58 8.57 36.59
CA THR A 227 -3.44 7.95 37.93
C THR A 227 -4.21 8.62 39.07
N ALA A 228 -4.56 9.88 38.85
CA ALA A 228 -5.20 10.71 39.86
C ALA A 228 -6.55 10.22 40.33
N LEU A 229 -7.39 9.74 39.40
CA LEU A 229 -8.79 9.61 39.78
C LEU A 229 -9.33 8.17 39.86
N TYR A 230 -10.39 8.03 40.66
CA TYR A 230 -11.15 6.82 40.81
C TYR A 230 -12.61 7.05 40.33
N CYS A 231 -13.22 5.99 39.77
CA CYS A 231 -14.59 6.01 39.24
C CYS A 231 -15.59 5.81 40.38
N THR A 232 -15.06 5.50 41.55
CA THR A 232 -15.86 5.15 42.72
C THR A 232 -15.81 6.20 43.86
N HIS A 233 -16.87 6.21 44.67
CA HIS A 233 -16.95 7.02 45.86
C HIS A 233 -15.90 6.66 46.90
N MET A 234 -15.64 7.62 47.79
CA MET A 234 -14.81 7.45 49.02
C MET A 234 -15.17 6.24 49.90
N ASP A 235 -16.47 5.94 49.96
CA ASP A 235 -17.02 4.95 50.87
C ASP A 235 -17.16 3.56 50.22
N ASP A 236 -16.79 3.46 48.95
CA ASP A 236 -16.96 2.24 48.16
C ASP A 236 -15.93 1.19 48.57
N PRO A 237 -16.38 -0.02 48.96
CA PRO A 237 -15.44 -1.08 49.34
C PRO A 237 -14.61 -1.61 48.16
N SER A 238 -15.12 -1.44 46.94
CA SER A 238 -14.40 -1.92 45.76
C SER A 238 -13.94 -0.80 44.82
N PRO A 239 -12.91 -0.02 45.24
CA PRO A 239 -12.35 1.01 44.39
C PRO A 239 -12.13 0.55 42.96
N ARG A 240 -12.16 1.51 42.02
CA ARG A 240 -11.78 1.30 40.61
C ARG A 240 -11.04 2.55 40.10
N GLU A 241 -9.83 2.38 39.61
CA GLU A 241 -9.06 3.49 39.03
C GLU A 241 -9.80 4.04 37.81
N MET A 242 -9.87 5.37 37.70
CA MET A 242 -10.46 5.92 36.47
C MET A 242 -9.44 5.91 35.34
N ILE A 243 -9.60 4.92 34.46
CA ILE A 243 -8.75 4.69 33.30
C ILE A 243 -9.55 4.20 32.09
N ASN A 244 -9.01 4.37 30.88
CA ASN A 244 -9.58 3.77 29.68
C ASN A 244 -10.98 4.31 29.49
N ASN A 245 -11.18 5.60 29.84
CA ASN A 245 -12.50 6.19 29.79
C ASN A 245 -12.78 6.85 28.44
N PHE A 246 -12.53 6.08 27.37
CA PHE A 246 -12.84 6.43 26.01
C PHE A 246 -13.74 5.34 25.42
N ARG A 247 -14.69 5.72 24.59
CA ARG A 247 -15.50 4.72 23.91
C ARG A 247 -14.74 4.27 22.62
N GLN A 248 -14.82 2.97 22.27
CA GLN A 248 -14.33 2.50 20.96
C GLN A 248 -15.01 3.23 19.79
N VAL A 249 -14.25 3.43 18.67
CA VAL A 249 -14.80 4.00 17.40
C VAL A 249 -15.95 3.16 16.83
N GLN A 250 -16.79 3.83 16.06
CA GLN A 250 -18.13 3.34 15.72
C GLN A 250 -18.12 3.15 14.25
N LYS A 251 -19.01 2.31 13.73
CA LYS A 251 -19.18 2.20 12.28
C LYS A 251 -19.60 3.56 11.68
N PHE A 252 -19.21 3.81 10.45
CA PHE A 252 -19.55 5.10 9.88
C PHE A 252 -20.32 4.91 8.58
N ASP A 253 -21.47 4.21 8.62
CA ASP A 253 -22.13 3.78 7.36
C ASP A 253 -23.03 4.88 6.84
N GLU A 254 -22.83 5.24 5.58
CA GLU A 254 -23.60 6.27 4.88
C GLU A 254 -23.32 7.66 5.45
N ARG A 255 -22.20 7.79 6.15
CA ARG A 255 -21.80 9.06 6.73
C ARG A 255 -20.49 9.60 6.10
N LEU A 256 -20.30 10.91 6.17
CA LEU A 256 -19.13 11.59 5.60
C LEU A 256 -18.58 12.64 6.58
N VAL A 257 -17.26 12.72 6.69
CA VAL A 257 -16.58 13.74 7.52
C VAL A 257 -15.99 14.85 6.63
N TYR A 258 -16.41 16.06 6.94
CA TYR A 258 -16.07 17.24 6.15
C TYR A 258 -14.85 17.94 6.73
N THR A 259 -13.87 18.27 5.90
CA THR A 259 -12.67 18.92 6.40
C THR A 259 -12.64 20.37 5.91
N SER A 260 -12.13 21.27 6.75
CA SER A 260 -11.95 22.68 6.37
C SER A 260 -10.63 22.91 5.61
N PHE A 261 -9.91 21.81 5.38
CA PHE A 261 -8.58 21.85 4.81
C PHE A 261 -8.45 20.82 3.70
N SER A 262 -7.67 21.19 2.68
CA SER A 262 -7.39 20.30 1.57
C SER A 262 -6.09 19.58 1.87
N GLN A 263 -5.78 18.58 1.05
CA GLN A 263 -4.48 17.92 1.07
C GLN A 263 -4.18 17.47 -0.38
N LYS B 3 -33.30 -9.85 13.54
N LYS B 3 -33.24 -11.15 15.38
CA LYS B 3 -32.26 -10.84 13.95
CA LYS B 3 -32.12 -11.21 14.40
C LYS B 3 -31.04 -10.12 14.56
C LYS B 3 -30.91 -10.47 14.93
N TRP B 4 -29.82 -10.51 14.16
CA TRP B 4 -28.63 -9.74 14.49
C TRP B 4 -27.95 -9.35 13.18
N THR B 5 -27.51 -8.10 13.10
CA THR B 5 -26.92 -7.56 11.87
C THR B 5 -25.64 -6.77 12.20
N TYR B 6 -25.11 -6.12 11.17
CA TYR B 6 -23.95 -5.28 11.31
C TYR B 6 -24.36 -3.86 11.16
N PHE B 7 -25.67 -3.64 11.14
CA PHE B 7 -26.22 -2.32 10.93
C PHE B 7 -27.57 -2.20 11.59
N GLY B 8 -27.84 -0.97 12.02
CA GLY B 8 -29.18 -0.57 12.35
C GLY B 8 -29.41 -0.87 13.78
N PRO B 9 -30.69 -0.86 14.20
CA PRO B 9 -31.01 -1.07 15.62
C PRO B 9 -30.72 -2.51 16.11
N ASP B 10 -30.43 -3.44 15.17
CA ASP B 10 -29.96 -4.82 15.50
C ASP B 10 -28.45 -5.07 15.23
N GLY B 11 -27.69 -4.02 14.88
CA GLY B 11 -26.23 -4.08 14.84
C GLY B 11 -25.48 -4.28 16.18
N GLU B 12 -24.16 -4.21 16.11
CA GLU B 12 -23.26 -4.72 17.16
C GLU B 12 -23.38 -4.21 18.58
N ASN B 13 -23.85 -2.97 18.76
CA ASN B 13 -23.90 -2.30 20.06
C ASN B 13 -25.13 -2.78 20.78
N SER B 14 -26.02 -3.41 20.01
CA SER B 14 -27.21 -4.08 20.54
C SER B 14 -27.10 -5.60 20.63
N TRP B 15 -26.00 -6.19 20.15
CA TRP B 15 -25.84 -7.66 20.29
C TRP B 15 -26.02 -8.19 21.68
N SER B 16 -25.57 -7.45 22.69
CA SER B 16 -25.66 -7.88 24.10
C SER B 16 -27.07 -7.97 24.62
N LYS B 17 -28.03 -7.35 23.96
CA LYS B 17 -29.42 -7.44 24.43
C LYS B 17 -30.01 -8.77 24.04
N LYS B 18 -29.39 -9.42 23.07
CA LYS B 18 -29.84 -10.76 22.66
C LYS B 18 -28.92 -11.88 23.21
N TYR B 19 -27.63 -11.59 23.31
CA TYR B 19 -26.63 -12.59 23.67
C TYR B 19 -25.67 -12.02 24.73
N PRO B 20 -25.78 -12.54 25.97
CA PRO B 20 -25.09 -12.03 27.16
C PRO B 20 -23.60 -11.93 26.94
N SER B 21 -23.04 -12.86 26.17
CA SER B 21 -21.60 -12.91 26.05
C SER B 21 -20.99 -11.72 25.25
N CYS B 22 -21.73 -11.15 24.31
CA CYS B 22 -21.20 -10.06 23.50
C CYS B 22 -20.94 -8.76 24.31
N GLY B 23 -21.53 -8.67 25.50
CA GLY B 23 -21.30 -7.53 26.43
C GLY B 23 -20.49 -8.00 27.62
N GLY B 24 -19.88 -9.18 27.49
CA GLY B 24 -18.87 -9.66 28.45
C GLY B 24 -17.39 -9.36 28.18
N LEU B 25 -16.54 -10.03 28.96
N LEU B 25 -16.54 -10.02 28.95
CA LEU B 25 -15.10 -9.96 28.86
CA LEU B 25 -15.10 -9.89 28.87
C LEU B 25 -14.55 -10.68 27.63
C LEU B 25 -14.48 -10.78 27.79
N LEU B 26 -13.26 -10.42 27.39
CA LEU B 26 -12.44 -11.14 26.45
C LEU B 26 -12.98 -11.20 25.06
N GLN B 27 -13.46 -10.04 24.58
CA GLN B 27 -14.13 -9.97 23.30
C GLN B 27 -13.14 -9.77 22.18
N SER B 28 -13.47 -10.30 21.00
CA SER B 28 -12.64 -10.16 19.80
C SER B 28 -13.46 -9.42 18.80
N PRO B 29 -12.81 -8.83 17.79
CA PRO B 29 -11.42 -8.71 17.49
C PRO B 29 -10.86 -7.44 18.21
N ILE B 30 -9.56 -7.24 18.03
CA ILE B 30 -8.77 -6.30 18.78
C ILE B 30 -7.79 -5.71 17.83
N ASP B 31 -7.32 -4.51 18.16
CA ASP B 31 -6.24 -3.85 17.44
C ASP B 31 -4.87 -4.42 17.82
N LEU B 32 -4.11 -4.82 16.80
CA LEU B 32 -2.79 -5.40 17.04
C LEU B 32 -1.68 -4.36 17.02
N HIS B 33 -1.35 -3.86 18.21
CA HIS B 33 -0.41 -2.72 18.26
C HIS B 33 0.71 -2.84 19.25
N SER B 34 1.78 -2.08 19.01
CA SER B 34 3.07 -2.27 19.67
C SER B 34 2.99 -2.47 21.20
N ASP B 35 2.34 -1.53 21.93
CA ASP B 35 2.30 -1.55 23.41
C ASP B 35 1.84 -2.84 24.05
N ILE B 36 0.97 -3.57 23.37
CA ILE B 36 0.34 -4.74 23.99
C ILE B 36 0.80 -6.08 23.40
N LEU B 37 1.75 -6.02 22.47
CA LEU B 37 2.38 -7.20 21.93
C LEU B 37 3.52 -7.60 22.85
N GLN B 38 3.60 -8.89 23.12
CA GLN B 38 4.66 -9.47 23.89
C GLN B 38 5.21 -10.67 23.08
N TYR B 39 6.49 -10.61 22.75
CA TYR B 39 7.13 -11.73 22.08
C TYR B 39 7.15 -12.93 23.02
N ASP B 40 6.97 -14.11 22.44
CA ASP B 40 6.96 -15.35 23.19
C ASP B 40 7.60 -16.41 22.33
N ALA B 41 8.91 -16.63 22.53
CA ALA B 41 9.66 -17.69 21.84
C ALA B 41 9.10 -19.12 21.98
N SER B 42 8.12 -19.30 22.86
CA SER B 42 7.50 -20.59 23.14
C SER B 42 6.53 -21.00 22.00
N LEU B 43 6.08 -20.01 21.23
CA LEU B 43 5.07 -20.20 20.19
C LEU B 43 5.68 -20.85 18.95
N THR B 44 5.47 -22.16 18.82
CA THR B 44 6.02 -22.95 17.72
C THR B 44 5.08 -22.99 16.51
N PRO B 45 5.60 -23.34 15.33
CA PRO B 45 4.72 -23.33 14.19
C PRO B 45 3.63 -24.37 14.32
N LEU B 46 2.43 -23.97 13.91
CA LEU B 46 1.34 -24.91 13.79
C LEU B 46 1.59 -25.88 12.62
N GLU B 47 1.05 -27.07 12.74
CA GLU B 47 1.07 -28.03 11.65
C GLU B 47 -0.35 -28.27 11.13
N PHE B 48 -0.53 -28.06 9.83
CA PHE B 48 -1.85 -28.25 9.23
C PHE B 48 -2.09 -29.68 8.66
N GLN B 49 -3.00 -30.42 9.31
CA GLN B 49 -3.33 -31.80 8.88
C GLN B 49 -4.66 -31.98 8.14
N GLY B 50 -4.60 -32.64 6.98
CA GLY B 50 -5.80 -32.94 6.22
C GLY B 50 -6.44 -31.72 5.56
N TYR B 51 -5.61 -30.67 5.36
CA TYR B 51 -5.94 -29.46 4.58
C TYR B 51 -6.06 -29.68 3.05
N ASN B 52 -5.33 -30.67 2.53
CA ASN B 52 -5.45 -31.02 1.12
C ASN B 52 -6.71 -31.89 0.97
N LEU B 53 -7.85 -31.20 0.91
CA LEU B 53 -9.16 -31.82 0.72
C LEU B 53 -9.25 -32.60 -0.58
N SER B 54 -10.05 -33.66 -0.58
CA SER B 54 -10.13 -34.45 -1.79
C SER B 54 -10.76 -33.64 -2.92
N ALA B 55 -10.01 -33.51 -3.99
CA ALA B 55 -10.47 -32.82 -5.19
C ALA B 55 -11.72 -33.49 -5.72
N ASN B 56 -11.85 -34.77 -5.33
CA ASN B 56 -12.93 -35.68 -5.71
C ASN B 56 -14.22 -35.54 -4.87
N LYS B 57 -14.21 -34.65 -3.86
CA LYS B 57 -15.37 -34.39 -2.98
C LYS B 57 -15.91 -32.95 -3.04
N GLN B 58 -17.22 -32.78 -3.06
CA GLN B 58 -17.77 -31.40 -3.02
C GLN B 58 -18.06 -30.89 -1.59
N PHE B 59 -17.80 -29.61 -1.36
CA PHE B 59 -17.98 -29.02 -0.02
C PHE B 59 -18.92 -27.84 -0.15
N LEU B 60 -19.77 -27.69 0.85
CA LEU B 60 -20.95 -26.85 0.77
C LEU B 60 -20.50 -25.44 1.07
N LEU B 61 -20.93 -24.54 0.21
CA LEU B 61 -20.67 -23.15 0.39
C LEU B 61 -22.05 -22.52 0.53
N THR B 62 -22.25 -21.80 1.64
CA THR B 62 -23.56 -21.28 1.98
C THR B 62 -23.51 -19.77 2.25
N ASN B 63 -24.47 -19.07 1.68
CA ASN B 63 -24.78 -17.69 2.11
C ASN B 63 -25.72 -17.81 3.30
N ASN B 64 -25.25 -17.46 4.51
CA ASN B 64 -26.10 -17.59 5.70
C ASN B 64 -26.78 -16.28 6.16
N GLY B 65 -26.73 -15.26 5.31
CA GLY B 65 -27.27 -13.94 5.66
C GLY B 65 -26.34 -13.07 6.48
N HIS B 66 -25.18 -13.62 6.87
CA HIS B 66 -24.16 -12.89 7.67
C HIS B 66 -22.82 -12.87 7.00
N SER B 67 -22.44 -14.00 6.36
CA SER B 67 -21.20 -14.14 5.61
C SER B 67 -21.46 -15.21 4.57
N VAL B 68 -20.43 -15.54 3.80
CA VAL B 68 -20.45 -16.79 3.02
C VAL B 68 -19.56 -17.82 3.75
N LYS B 69 -20.07 -19.00 4.01
CA LYS B 69 -19.23 -19.96 4.74
C LYS B 69 -19.07 -21.25 3.95
N LEU B 70 -17.85 -21.80 3.93
CA LEU B 70 -17.60 -23.11 3.36
C LEU B 70 -17.51 -24.16 4.45
N ASN B 71 -18.29 -25.26 4.32
CA ASN B 71 -18.21 -26.38 5.29
C ASN B 71 -16.92 -27.14 5.21
N LEU B 72 -16.34 -27.47 6.34
CA LEU B 72 -15.09 -28.25 6.30
C LEU B 72 -15.16 -29.59 7.04
N PRO B 73 -14.43 -30.62 6.53
CA PRO B 73 -14.48 -31.95 7.14
C PRO B 73 -13.80 -32.02 8.48
N SER B 74 -14.33 -32.86 9.38
CA SER B 74 -13.77 -33.00 10.74
C SER B 74 -12.41 -33.69 10.76
N ASP B 75 -11.99 -34.24 9.62
CA ASP B 75 -10.63 -34.81 9.46
C ASP B 75 -9.54 -33.75 9.36
N MET B 76 -9.98 -32.54 9.01
CA MET B 76 -9.09 -31.40 8.85
C MET B 76 -8.80 -30.93 10.25
N HIS B 77 -7.51 -30.87 10.63
CA HIS B 77 -7.17 -30.39 11.97
C HIS B 77 -5.83 -29.69 12.11
N ILE B 78 -5.70 -28.95 13.21
CA ILE B 78 -4.43 -28.33 13.62
C ILE B 78 -3.67 -29.16 14.65
N GLN B 79 -2.37 -29.26 14.44
CA GLN B 79 -1.53 -29.83 15.51
C GLN B 79 -0.53 -28.78 15.99
N GLY B 80 -0.06 -28.93 17.21
CA GLY B 80 0.87 -27.98 17.77
C GLY B 80 0.33 -27.46 19.10
N LEU B 81 -0.99 -27.46 19.24
CA LEU B 81 -1.65 -26.97 20.47
C LEU B 81 -1.75 -28.03 21.58
N GLN B 82 -2.32 -27.68 22.74
CA GLN B 82 -2.50 -28.64 23.85
C GLN B 82 -3.62 -29.69 23.66
N SER B 83 -4.66 -29.33 22.93
CA SER B 83 -5.68 -30.32 22.51
C SER B 83 -5.70 -30.36 20.99
N ARG B 84 -6.35 -31.37 20.41
CA ARG B 84 -6.51 -31.43 18.95
C ARG B 84 -7.59 -30.49 18.60
N TYR B 85 -7.40 -29.64 17.58
CA TYR B 85 -8.48 -28.83 17.06
C TYR B 85 -8.84 -29.16 15.61
N SER B 86 -10.10 -29.50 15.42
N SER B 86 -10.12 -29.46 15.41
CA SER B 86 -10.60 -29.94 14.12
CA SER B 86 -10.61 -29.98 14.15
C SER B 86 -11.49 -28.90 13.53
C SER B 86 -11.56 -28.98 13.51
N ALA B 87 -11.36 -28.75 12.21
CA ALA B 87 -12.09 -27.80 11.45
C ALA B 87 -13.60 -28.07 11.41
N THR B 88 -14.35 -26.98 11.41
CA THR B 88 -15.80 -27.06 11.23
C THR B 88 -16.24 -26.27 9.98
N GLN B 89 -15.71 -25.05 9.81
CA GLN B 89 -15.95 -24.18 8.63
C GLN B 89 -14.88 -23.06 8.43
N LEU B 90 -14.95 -22.40 7.29
CA LEU B 90 -14.20 -21.10 7.09
C LEU B 90 -15.17 -20.10 6.50
N HIS B 91 -14.85 -18.80 6.60
CA HIS B 91 -15.76 -17.74 6.21
C HIS B 91 -14.97 -16.47 6.18
N LEU B 92 -15.60 -15.37 5.74
CA LEU B 92 -14.85 -14.14 5.58
C LEU B 92 -15.62 -12.92 6.08
N HIS B 93 -14.89 -11.82 6.13
CA HIS B 93 -15.45 -10.54 6.53
C HIS B 93 -14.90 -9.49 5.60
N TRP B 94 -15.70 -8.46 5.32
CA TRP B 94 -15.29 -7.46 4.37
C TRP B 94 -16.03 -6.16 4.60
N GLY B 95 -15.58 -5.13 3.91
CA GLY B 95 -16.19 -3.76 3.99
C GLY B 95 -17.17 -3.53 2.83
N ASN B 96 -16.84 -2.57 1.95
CA ASN B 96 -17.68 -2.09 0.84
C ASN B 96 -16.86 -1.34 -0.21
N PRO B 97 -17.38 -1.24 -1.45
CA PRO B 97 -16.63 -0.59 -2.53
C PRO B 97 -16.18 0.85 -2.21
N ASN B 98 -16.92 1.53 -1.35
CA ASN B 98 -16.61 2.94 -1.03
C ASN B 98 -15.61 3.12 0.12
N ASP B 99 -15.37 2.04 0.87
CA ASP B 99 -14.44 2.03 2.00
C ASP B 99 -13.98 0.54 2.09
N PRO B 100 -13.07 0.10 1.21
CA PRO B 100 -12.74 -1.32 1.12
C PRO B 100 -11.73 -1.76 2.18
N HIS B 101 -12.14 -1.64 3.43
CA HIS B 101 -11.30 -1.90 4.60
C HIS B 101 -12.18 -2.57 5.56
N GLY B 102 -12.27 -3.91 5.45
CA GLY B 102 -13.19 -4.64 6.26
C GLY B 102 -12.68 -5.86 7.04
N SER B 103 -11.36 -5.92 7.28
CA SER B 103 -10.74 -6.93 8.15
C SER B 103 -11.37 -6.75 9.52
N GLU B 104 -11.38 -7.80 10.33
CA GLU B 104 -11.86 -7.68 11.69
C GLU B 104 -10.69 -7.25 12.55
N HIS B 105 -9.57 -7.96 12.45
CA HIS B 105 -8.40 -7.47 13.21
C HIS B 105 -7.78 -6.31 12.46
N THR B 106 -7.26 -5.35 13.21
CA THR B 106 -6.48 -4.28 12.67
C THR B 106 -5.05 -4.40 13.21
N VAL B 107 -4.07 -3.85 12.50
CA VAL B 107 -2.65 -3.89 12.94
C VAL B 107 -2.15 -2.44 12.99
N SER B 108 -1.76 -1.97 14.17
CA SER B 108 -1.36 -0.54 14.37
C SER B 108 -2.46 0.39 13.83
N GLY B 109 -3.71 0.03 14.14
CA GLY B 109 -4.91 0.76 13.73
C GLY B 109 -5.38 0.61 12.29
N GLN B 110 -4.67 -0.17 11.48
CA GLN B 110 -4.97 -0.22 10.04
C GLN B 110 -5.91 -1.39 9.73
N HIS B 111 -7.11 -1.12 9.16
CA HIS B 111 -8.00 -2.17 8.60
C HIS B 111 -7.43 -2.60 7.30
N PHE B 112 -7.29 -3.93 7.11
CA PHE B 112 -6.99 -4.53 5.81
C PHE B 112 -8.31 -4.65 5.02
N ALA B 113 -8.24 -5.09 3.76
CA ALA B 113 -9.41 -5.18 2.90
C ALA B 113 -10.43 -6.15 3.49
N ALA B 114 -9.95 -7.29 4.00
CA ALA B 114 -10.85 -8.36 4.41
C ALA B 114 -10.11 -9.35 5.29
N GLU B 115 -10.79 -10.38 5.79
CA GLU B 115 -10.14 -11.35 6.67
C GLU B 115 -10.77 -12.68 6.45
N LEU B 116 -9.95 -13.72 6.44
CA LEU B 116 -10.43 -15.09 6.30
C LEU B 116 -10.27 -15.81 7.62
N HIS B 117 -11.33 -16.49 8.04
CA HIS B 117 -11.34 -17.20 9.28
C HIS B 117 -11.63 -18.65 9.01
N ILE B 118 -10.81 -19.51 9.59
CA ILE B 118 -10.93 -21.00 9.53
C ILE B 118 -11.18 -21.46 10.96
N VAL B 119 -12.44 -21.81 11.29
CA VAL B 119 -12.89 -22.19 12.62
C VAL B 119 -12.67 -23.69 12.93
N HIS B 120 -12.11 -23.96 14.11
CA HIS B 120 -11.87 -25.30 14.65
C HIS B 120 -12.49 -25.44 16.04
N TYR B 121 -12.83 -26.68 16.42
CA TYR B 121 -13.29 -26.97 17.77
C TYR B 121 -12.31 -27.96 18.43
N ASN B 122 -12.40 -28.09 19.75
CA ASN B 122 -11.48 -28.93 20.50
C ASN B 122 -12.08 -30.34 20.47
N SER B 123 -11.51 -31.21 19.61
CA SER B 123 -12.08 -32.57 19.42
C SER B 123 -11.44 -33.61 20.32
N ASP B 124 -10.57 -33.15 21.20
CA ASP B 124 -10.13 -34.02 22.29
C ASP B 124 -11.13 -34.04 23.45
N LEU B 125 -11.81 -32.90 23.63
CA LEU B 125 -12.71 -32.67 24.75
C LEU B 125 -14.18 -32.85 24.40
N TYR B 126 -14.53 -32.50 23.16
CA TYR B 126 -15.93 -32.29 22.78
C TYR B 126 -16.27 -33.01 21.50
N PRO B 127 -17.55 -33.38 21.36
CA PRO B 127 -18.08 -34.16 20.24
C PRO B 127 -18.25 -33.41 18.92
N ASP B 128 -18.45 -32.09 19.01
CA ASP B 128 -18.54 -31.21 17.84
C ASP B 128 -18.39 -29.71 18.20
N ALA B 129 -18.41 -28.85 17.19
CA ALA B 129 -18.24 -27.38 17.34
C ALA B 129 -19.25 -26.68 18.24
N SER B 130 -20.53 -26.95 17.99
CA SER B 130 -21.61 -26.29 18.72
C SER B 130 -21.56 -26.59 20.23
N THR B 131 -21.16 -27.82 20.59
CA THR B 131 -21.07 -28.22 21.97
C THR B 131 -19.87 -27.60 22.61
N ALA B 132 -18.85 -27.44 21.79
CA ALA B 132 -17.59 -26.88 22.21
C ALA B 132 -17.65 -25.36 22.27
N SER B 133 -18.61 -24.77 21.56
CA SER B 133 -18.73 -23.29 21.44
C SER B 133 -18.87 -22.57 22.78
N ASN B 134 -19.41 -23.25 23.80
CA ASN B 134 -19.58 -22.59 25.11
C ASN B 134 -18.72 -23.12 26.30
N LYS B 135 -17.66 -23.85 25.97
CA LYS B 135 -16.82 -24.54 26.97
C LYS B 135 -15.42 -24.02 26.94
N SER B 136 -14.71 -24.30 28.02
CA SER B 136 -13.30 -23.92 28.19
C SER B 136 -12.44 -24.59 27.15
N GLU B 137 -11.50 -23.81 26.64
CA GLU B 137 -10.66 -24.16 25.49
C GLU B 137 -11.51 -24.75 24.32
N GLY B 138 -12.65 -24.13 24.03
CA GLY B 138 -13.60 -24.71 23.08
C GLY B 138 -13.15 -24.62 21.63
N LEU B 139 -12.63 -23.44 21.24
CA LEU B 139 -12.34 -23.13 19.84
C LEU B 139 -10.94 -22.56 19.60
N ALA B 140 -10.47 -22.78 18.39
CA ALA B 140 -9.25 -22.20 17.88
C ALA B 140 -9.62 -21.76 16.50
N VAL B 141 -9.37 -20.48 16.20
CA VAL B 141 -9.63 -19.92 14.88
C VAL B 141 -8.35 -19.35 14.29
N LEU B 142 -8.16 -19.63 13.01
CA LEU B 142 -7.06 -19.07 12.23
C LEU B 142 -7.53 -17.85 11.45
N ALA B 143 -6.82 -16.73 11.59
CA ALA B 143 -7.17 -15.59 10.81
C ALA B 143 -6.10 -15.27 9.76
N VAL B 144 -6.59 -14.95 8.58
CA VAL B 144 -5.70 -14.51 7.52
C VAL B 144 -6.10 -13.14 7.04
N LEU B 145 -5.19 -12.20 7.16
CA LEU B 145 -5.50 -10.82 6.76
C LEU B 145 -5.42 -10.71 5.24
N ILE B 146 -6.43 -10.09 4.62
CA ILE B 146 -6.48 -9.93 3.17
C ILE B 146 -6.30 -8.51 2.62
N GLU B 147 -5.30 -8.29 1.79
CA GLU B 147 -5.18 -6.98 1.16
C GLU B 147 -5.36 -7.01 -0.33
N MET B 148 -5.82 -5.89 -0.86
CA MET B 148 -6.12 -5.76 -2.28
C MET B 148 -4.82 -5.72 -3.09
N GLY B 149 -4.78 -6.46 -4.19
CA GLY B 149 -3.53 -6.58 -5.00
C GLY B 149 -3.54 -7.58 -6.15
N SER B 150 -2.66 -8.57 -6.08
N SER B 150 -2.65 -8.56 -6.07
CA SER B 150 -2.54 -9.55 -7.13
CA SER B 150 -2.49 -9.57 -7.10
C SER B 150 -3.66 -10.57 -7.05
C SER B 150 -3.62 -10.61 -7.05
N PHE B 151 -4.15 -10.97 -8.22
CA PHE B 151 -5.14 -12.05 -8.32
C PHE B 151 -4.67 -13.28 -7.56
N ASN B 152 -5.63 -13.97 -6.92
CA ASN B 152 -5.28 -15.14 -6.20
C ASN B 152 -6.08 -16.37 -6.68
N PRO B 153 -5.48 -17.21 -7.54
CA PRO B 153 -6.08 -18.47 -8.02
C PRO B 153 -6.73 -19.24 -6.91
N SER B 154 -6.09 -19.36 -5.74
CA SER B 154 -6.65 -20.22 -4.73
C SER B 154 -7.94 -19.63 -4.18
N TYR B 155 -7.90 -18.34 -3.84
CA TYR B 155 -9.10 -17.71 -3.30
C TYR B 155 -10.24 -17.77 -4.32
N ASP B 156 -9.90 -17.69 -5.60
CA ASP B 156 -10.92 -17.85 -6.65
C ASP B 156 -11.60 -19.23 -6.63
N LYS B 157 -10.92 -20.22 -6.07
CA LYS B 157 -11.60 -21.51 -5.89
C LYS B 157 -12.82 -21.38 -4.99
N ILE B 158 -12.92 -20.26 -4.23
CA ILE B 158 -14.15 -19.94 -3.48
C ILE B 158 -15.02 -18.87 -4.18
N PHE B 159 -14.38 -17.73 -4.48
CA PHE B 159 -14.99 -16.57 -5.16
C PHE B 159 -15.66 -16.91 -6.50
N SER B 160 -15.07 -17.79 -7.30
CA SER B 160 -15.64 -18.04 -8.66
C SER B 160 -17.08 -18.52 -8.62
N HIS B 161 -17.51 -18.88 -7.40
CA HIS B 161 -18.80 -19.47 -7.11
C HIS B 161 -19.77 -18.50 -6.46
N LEU B 162 -19.32 -17.26 -6.27
CA LEU B 162 -20.08 -16.24 -5.56
C LEU B 162 -21.40 -15.93 -6.22
N GLN B 163 -21.44 -15.94 -7.56
CA GLN B 163 -22.67 -15.65 -8.27
C GLN B 163 -23.72 -16.72 -8.01
N HIS B 164 -23.30 -17.88 -7.52
CA HIS B 164 -24.26 -18.96 -7.24
C HIS B 164 -24.89 -18.91 -5.85
N VAL B 165 -24.27 -18.16 -4.92
CA VAL B 165 -24.83 -17.99 -3.57
C VAL B 165 -25.23 -16.52 -3.24
N LYS B 166 -25.68 -15.78 -4.25
CA LYS B 166 -26.11 -14.36 -4.14
C LYS B 166 -27.13 -13.96 -3.03
N TYR B 167 -28.11 -14.82 -2.77
CA TYR B 167 -29.14 -14.52 -1.77
C TYR B 167 -29.02 -15.42 -0.57
N LYS B 168 -29.66 -15.07 0.55
CA LYS B 168 -29.53 -15.84 1.82
C LYS B 168 -30.21 -17.18 1.77
N GLY B 169 -29.51 -18.24 2.22
CA GLY B 169 -30.03 -19.61 2.15
C GLY B 169 -29.57 -20.31 0.89
N GLN B 170 -29.07 -19.53 -0.07
CA GLN B 170 -28.49 -20.10 -1.30
C GLN B 170 -27.09 -20.74 -1.18
N GLU B 171 -26.88 -21.78 -1.96
CA GLU B 171 -25.76 -22.70 -1.73
C GLU B 171 -25.15 -23.19 -3.02
N ALA B 172 -23.85 -23.37 -2.97
CA ALA B 172 -23.09 -23.86 -4.08
C ALA B 172 -22.38 -25.04 -3.49
N PHE B 173 -21.79 -25.84 -4.37
CA PHE B 173 -20.90 -26.92 -4.00
C PHE B 173 -19.54 -26.60 -4.57
N VAL B 174 -18.51 -26.79 -3.75
CA VAL B 174 -17.15 -26.45 -4.15
C VAL B 174 -16.32 -27.72 -4.12
N PRO B 175 -15.65 -28.04 -5.24
CA PRO B 175 -14.67 -29.14 -5.23
C PRO B 175 -13.48 -28.83 -4.35
N GLY B 176 -12.89 -29.88 -3.79
CA GLY B 176 -11.75 -29.77 -2.89
C GLY B 176 -10.48 -29.24 -3.51
N PHE B 177 -9.82 -28.33 -2.80
CA PHE B 177 -8.48 -27.92 -3.11
C PHE B 177 -7.73 -27.85 -1.80
N ASN B 178 -6.45 -27.55 -1.89
CA ASN B 178 -5.67 -27.43 -0.71
C ASN B 178 -5.98 -26.12 0.01
N ILE B 179 -6.63 -26.21 1.16
CA ILE B 179 -6.87 -25.08 2.06
C ILE B 179 -5.58 -24.32 2.51
N GLU B 180 -4.45 -25.02 2.55
CA GLU B 180 -3.18 -24.40 2.91
C GLU B 180 -2.74 -23.34 1.86
N GLU B 181 -3.20 -23.50 0.62
CA GLU B 181 -2.99 -22.51 -0.42
C GLU B 181 -3.61 -21.13 -0.06
N LEU B 182 -4.54 -21.12 0.91
CA LEU B 182 -5.21 -19.87 1.33
C LEU B 182 -4.40 -19.10 2.38
N LEU B 183 -3.51 -19.84 3.02
CA LEU B 183 -2.63 -19.32 4.06
C LEU B 183 -1.46 -18.48 3.52
N PRO B 184 -1.18 -17.34 4.16
CA PRO B 184 -0.13 -16.41 3.73
C PRO B 184 1.25 -17.11 3.89
N GLU B 185 2.35 -16.50 3.52
CA GLU B 185 3.64 -17.14 3.80
C GLU B 185 4.15 -16.93 5.23
N ARG B 186 5.24 -17.61 5.53
CA ARG B 186 5.79 -17.68 6.88
C ARG B 186 4.71 -17.85 7.93
N THR B 187 3.87 -18.91 7.81
CA THR B 187 2.75 -19.12 8.76
C THR B 187 3.27 -19.34 10.20
N ALA B 188 4.57 -19.61 10.31
CA ALA B 188 5.24 -19.70 11.61
C ALA B 188 5.13 -18.35 12.36
N GLU B 189 4.92 -17.29 11.60
CA GLU B 189 4.88 -15.95 12.20
C GLU B 189 3.45 -15.49 12.41
N TYR B 190 3.07 -15.31 13.68
CA TYR B 190 1.69 -14.98 14.06
C TYR B 190 1.52 -14.24 15.37
N TYR B 191 0.36 -13.59 15.51
CA TYR B 191 -0.16 -13.08 16.79
C TYR B 191 -1.01 -14.16 17.41
N ARG B 192 -0.96 -14.28 18.75
CA ARG B 192 -1.78 -15.27 19.46
C ARG B 192 -2.42 -14.64 20.70
N TYR B 193 -3.71 -14.82 20.87
CA TYR B 193 -4.35 -14.33 22.09
C TYR B 193 -5.68 -15.07 22.37
N ARG B 194 -6.12 -14.98 23.63
CA ARG B 194 -7.39 -15.54 24.04
C ARG B 194 -8.52 -14.55 23.77
N GLY B 195 -9.49 -14.95 22.96
CA GLY B 195 -10.65 -14.11 22.82
C GLY B 195 -11.97 -14.84 22.63
N SER B 196 -12.77 -14.28 21.75
CA SER B 196 -14.15 -14.68 21.62
C SER B 196 -14.51 -14.90 20.20
N LEU B 197 -15.75 -15.37 20.01
CA LEU B 197 -16.37 -15.38 18.73
C LEU B 197 -16.59 -13.90 18.38
N THR B 198 -16.31 -13.50 17.14
CA THR B 198 -16.60 -12.10 16.72
C THR B 198 -18.07 -11.84 16.36
N THR B 199 -18.85 -12.90 16.20
CA THR B 199 -20.26 -12.78 15.98
C THR B 199 -20.95 -13.40 17.15
N PRO B 200 -22.24 -13.06 17.37
CA PRO B 200 -23.11 -13.71 18.31
C PRO B 200 -23.05 -15.24 18.11
N PRO B 201 -23.10 -16.03 19.21
CA PRO B 201 -23.28 -15.66 20.63
C PRO B 201 -22.04 -15.03 21.36
N CYS B 202 -20.97 -14.71 20.63
CA CYS B 202 -19.74 -14.10 21.21
C CYS B 202 -19.09 -14.82 22.40
N ASN B 203 -19.26 -16.16 22.55
CA ASN B 203 -18.57 -16.84 23.64
C ASN B 203 -17.05 -16.52 23.67
N PRO B 204 -16.53 -16.22 24.86
CA PRO B 204 -15.11 -16.01 25.14
C PRO B 204 -14.36 -17.37 25.32
N THR B 205 -14.41 -18.16 24.25
CA THR B 205 -13.86 -19.50 24.23
C THR B 205 -12.93 -19.75 23.03
N VAL B 206 -12.37 -18.70 22.45
CA VAL B 206 -11.54 -18.85 21.23
C VAL B 206 -10.06 -18.58 21.48
N LEU B 207 -9.23 -19.59 21.22
CA LEU B 207 -7.79 -19.34 20.98
C LEU B 207 -7.58 -18.78 19.55
N TRP B 208 -7.30 -17.48 19.51
CA TRP B 208 -7.01 -16.81 18.25
C TRP B 208 -5.61 -16.94 17.83
N THR B 209 -5.44 -17.10 16.53
CA THR B 209 -4.14 -17.10 15.88
C THR B 209 -4.35 -16.24 14.66
N VAL B 210 -3.73 -15.05 14.61
CA VAL B 210 -3.71 -14.22 13.40
C VAL B 210 -2.31 -14.25 12.78
N PHE B 211 -2.23 -14.60 11.51
CA PHE B 211 -0.94 -14.68 10.90
C PHE B 211 -0.39 -13.29 10.62
N ARG B 212 0.92 -13.14 10.69
CA ARG B 212 1.55 -11.84 10.50
C ARG B 212 1.43 -11.31 9.06
N ASN B 213 1.60 -12.21 8.10
CA ASN B 213 1.61 -11.78 6.71
C ASN B 213 0.22 -11.84 6.05
N PRO B 214 -0.17 -10.75 5.40
CA PRO B 214 -1.37 -10.73 4.60
C PRO B 214 -1.24 -11.55 3.29
N VAL B 215 -2.38 -11.93 2.73
CA VAL B 215 -2.43 -12.43 1.38
C VAL B 215 -2.96 -11.30 0.54
N GLN B 216 -2.81 -11.45 -0.78
CA GLN B 216 -3.44 -10.57 -1.75
C GLN B 216 -4.52 -11.28 -2.56
N ILE B 217 -5.59 -10.54 -2.88
CA ILE B 217 -6.55 -10.89 -3.92
C ILE B 217 -6.69 -9.67 -4.81
N SER B 218 -7.18 -9.89 -6.03
CA SER B 218 -7.23 -8.79 -6.99
C SER B 218 -8.38 -7.85 -6.66
N GLN B 219 -8.42 -6.71 -7.35
CA GLN B 219 -9.49 -5.76 -7.08
C GLN B 219 -10.84 -6.24 -7.60
N GLU B 220 -10.84 -6.87 -8.77
CA GLU B 220 -11.99 -7.67 -9.25
C GLU B 220 -12.44 -8.73 -8.23
N GLN B 221 -11.51 -9.51 -7.69
CA GLN B 221 -11.91 -10.49 -6.71
C GLN B 221 -12.56 -9.85 -5.46
N LEU B 222 -12.04 -8.69 -5.05
CA LEU B 222 -12.58 -8.08 -3.83
C LEU B 222 -13.94 -7.41 -4.15
N LEU B 223 -14.06 -6.88 -5.36
CA LEU B 223 -15.33 -6.27 -5.73
C LEU B 223 -16.43 -7.34 -5.81
N ALA B 224 -16.09 -8.51 -6.34
CA ALA B 224 -17.08 -9.62 -6.36
C ALA B 224 -17.55 -9.92 -4.95
N LEU B 225 -16.59 -10.01 -4.03
CA LEU B 225 -16.92 -10.28 -2.64
C LEU B 225 -17.72 -9.17 -2.00
N GLU B 226 -17.45 -7.92 -2.35
CA GLU B 226 -18.20 -6.81 -1.82
C GLU B 226 -19.58 -6.61 -2.47
N THR B 227 -19.75 -7.08 -3.71
CA THR B 227 -20.99 -6.82 -4.47
C THR B 227 -21.95 -7.98 -4.81
N ALA B 228 -21.47 -9.23 -4.73
CA ALA B 228 -22.30 -10.41 -5.15
C ALA B 228 -23.38 -10.77 -4.14
N LEU B 229 -23.09 -10.54 -2.86
CA LEU B 229 -23.89 -11.14 -1.81
C LEU B 229 -24.90 -10.25 -1.12
N TYR B 230 -25.99 -10.88 -0.66
CA TYR B 230 -27.11 -10.20 -0.01
C TYR B 230 -27.47 -10.87 1.29
N CYS B 231 -27.81 -10.10 2.32
CA CYS B 231 -28.31 -10.64 3.62
C CYS B 231 -29.73 -11.22 3.56
N THR B 232 -30.45 -10.90 2.49
CA THR B 232 -31.86 -11.24 2.40
C THR B 232 -32.10 -12.43 1.42
N HIS B 233 -33.28 -13.07 1.49
CA HIS B 233 -33.60 -14.17 0.53
C HIS B 233 -33.89 -13.63 -0.85
N MET B 234 -33.84 -14.50 -1.85
CA MET B 234 -34.06 -14.16 -3.26
C MET B 234 -35.42 -13.52 -3.50
N ASP B 235 -36.41 -13.99 -2.75
CA ASP B 235 -37.78 -13.50 -2.80
C ASP B 235 -37.99 -12.25 -1.95
N ASP B 236 -36.90 -11.70 -1.41
CA ASP B 236 -36.91 -10.43 -0.66
C ASP B 236 -36.74 -9.36 -1.73
N PRO B 237 -37.78 -8.55 -1.99
CA PRO B 237 -37.69 -7.41 -2.90
C PRO B 237 -37.58 -6.12 -2.10
N SER B 238 -37.19 -6.27 -0.84
CA SER B 238 -36.79 -5.18 0.04
C SER B 238 -35.38 -5.58 0.55
N PRO B 239 -34.45 -5.85 -0.40
CA PRO B 239 -33.22 -6.60 -0.13
C PRO B 239 -32.10 -5.82 0.56
N ARG B 240 -31.32 -6.50 1.40
CA ARG B 240 -30.11 -5.93 2.05
C ARG B 240 -28.83 -6.48 1.38
N GLU B 241 -27.97 -5.59 0.87
CA GLU B 241 -26.61 -5.93 0.42
C GLU B 241 -25.79 -6.44 1.61
N MET B 242 -24.97 -7.49 1.39
CA MET B 242 -24.05 -8.01 2.40
C MET B 242 -22.71 -7.27 2.38
N ILE B 243 -22.63 -6.27 3.23
CA ILE B 243 -21.43 -5.42 3.31
C ILE B 243 -21.08 -5.09 4.77
N ASN B 244 -19.83 -4.69 4.97
CA ASN B 244 -19.29 -4.29 6.28
C ASN B 244 -19.57 -5.30 7.33
N ASN B 245 -19.40 -6.59 6.97
CA ASN B 245 -19.78 -7.65 7.87
C ASN B 245 -18.69 -8.01 8.88
N PHE B 246 -18.20 -7.01 9.60
CA PHE B 246 -17.07 -7.15 10.53
C PHE B 246 -17.42 -6.42 11.86
N ARG B 247 -16.97 -6.96 12.99
CA ARG B 247 -17.15 -6.25 14.27
C ARG B 247 -16.07 -5.19 14.49
N GLN B 248 -16.42 -4.08 15.15
CA GLN B 248 -15.44 -3.08 15.58
C GLN B 248 -14.51 -3.75 16.59
N VAL B 249 -13.25 -3.27 16.65
CA VAL B 249 -12.24 -3.75 17.60
C VAL B 249 -12.69 -3.47 19.04
N GLN B 250 -12.32 -4.35 19.95
CA GLN B 250 -12.84 -4.34 21.31
C GLN B 250 -11.80 -3.82 22.26
N LYS B 251 -12.23 -3.40 23.44
CA LYS B 251 -11.30 -3.05 24.51
C LYS B 251 -10.51 -4.28 24.75
N PHE B 252 -9.22 -4.07 24.84
CA PHE B 252 -8.37 -5.16 25.18
C PHE B 252 -7.30 -4.58 26.04
N ASP B 253 -7.59 -4.41 27.33
CA ASP B 253 -6.71 -3.66 28.24
C ASP B 253 -6.58 -4.27 29.64
N GLU B 254 -6.40 -5.59 29.66
CA GLU B 254 -5.64 -6.27 30.70
C GLU B 254 -4.92 -7.44 30.00
N ARG B 255 -5.51 -7.91 28.91
CA ARG B 255 -4.85 -8.89 28.03
C ARG B 255 -3.59 -8.34 27.35
N LEU B 256 -2.68 -9.25 27.05
CA LEU B 256 -1.61 -9.05 26.09
C LEU B 256 -1.79 -10.02 24.91
N VAL B 257 -1.26 -9.62 23.77
CA VAL B 257 -1.21 -10.44 22.59
C VAL B 257 0.22 -10.91 22.42
N TYR B 258 0.37 -12.21 22.29
CA TYR B 258 1.68 -12.77 22.18
C TYR B 258 2.03 -12.99 20.74
N THR B 259 3.26 -12.68 20.37
CA THR B 259 3.74 -12.90 19.03
C THR B 259 4.81 -14.02 18.98
N SER B 260 4.97 -14.63 17.80
CA SER B 260 5.97 -15.69 17.64
C SER B 260 7.22 -15.14 16.89
N PHE B 261 7.18 -13.87 16.60
CA PHE B 261 8.22 -13.21 15.84
C PHE B 261 8.54 -11.90 16.60
N SER B 262 9.68 -11.29 16.28
CA SER B 262 10.11 -10.10 17.01
C SER B 262 10.12 -8.91 16.10
N LYS C 3 0.75 2.58 1.25
CA LYS C 3 2.26 2.62 1.25
C LYS C 3 2.88 2.04 -0.02
N TRP C 4 3.93 2.70 -0.50
CA TRP C 4 4.68 2.29 -1.70
C TRP C 4 6.17 2.51 -1.46
N THR C 5 7.02 1.69 -2.10
CA THR C 5 8.48 1.64 -1.91
C THR C 5 9.18 1.60 -3.30
N TYR C 6 10.52 1.65 -3.35
CA TYR C 6 11.25 1.33 -4.63
C TYR C 6 11.95 -0.01 -4.60
N PHE C 7 11.65 -0.76 -3.56
CA PHE C 7 12.25 -2.07 -3.30
C PHE C 7 11.16 -2.98 -2.81
N GLY C 8 11.13 -4.20 -3.33
CA GLY C 8 10.31 -5.25 -2.76
C GLY C 8 8.88 -5.38 -3.25
N PRO C 9 8.05 -6.00 -2.41
CA PRO C 9 6.65 -6.29 -2.73
C PRO C 9 5.82 -5.05 -3.11
N ASP C 10 6.04 -3.94 -2.42
CA ASP C 10 5.29 -2.72 -2.74
C ASP C 10 6.08 -1.81 -3.66
N GLY C 11 6.97 -2.45 -4.41
CA GLY C 11 7.88 -1.81 -5.36
C GLY C 11 7.11 -1.37 -6.57
N GLU C 12 7.84 -0.88 -7.58
CA GLU C 12 7.22 -0.14 -8.66
C GLU C 12 6.35 -0.97 -9.64
N ASN C 13 6.62 -2.28 -9.75
CA ASN C 13 5.73 -3.19 -10.49
C ASN C 13 4.35 -3.34 -9.82
N SER C 14 4.29 -3.10 -8.52
CA SER C 14 3.03 -3.25 -7.75
C SER C 14 2.30 -1.94 -7.46
N TRP C 15 2.90 -0.78 -7.82
CA TRP C 15 2.18 0.50 -7.66
C TRP C 15 0.80 0.57 -8.25
N SER C 16 0.60 0.04 -9.47
CA SER C 16 -0.72 -0.05 -10.13
C SER C 16 -1.85 -0.65 -9.29
N LYS C 17 -1.54 -1.46 -8.28
CA LYS C 17 -2.57 -2.14 -7.50
C LYS C 17 -3.48 -1.10 -6.79
N LYS C 18 -2.84 -0.11 -6.17
CA LYS C 18 -3.56 0.88 -5.37
C LYS C 18 -3.66 2.22 -6.15
N TYR C 19 -2.76 2.39 -7.13
CA TYR C 19 -2.69 3.61 -7.94
C TYR C 19 -2.71 3.32 -9.44
N PRO C 20 -3.90 3.26 -10.07
CA PRO C 20 -3.94 2.68 -11.44
C PRO C 20 -3.27 3.46 -12.57
N SER C 21 -3.12 4.79 -12.43
CA SER C 21 -2.36 5.53 -13.42
C SER C 21 -0.91 5.06 -13.54
N CYS C 22 -0.38 4.44 -12.50
CA CYS C 22 0.98 3.87 -12.67
C CYS C 22 1.08 2.80 -13.78
N GLY C 23 -0.05 2.16 -14.09
CA GLY C 23 -0.12 1.21 -15.23
C GLY C 23 -0.75 1.81 -16.46
N GLY C 24 -0.75 3.14 -16.59
CA GLY C 24 -1.52 3.82 -17.62
C GLY C 24 -0.70 4.45 -18.71
N LEU C 25 -1.29 5.47 -19.35
CA LEU C 25 -0.71 6.06 -20.54
C LEU C 25 0.37 7.10 -20.13
N LEU C 26 1.23 7.50 -21.07
CA LEU C 26 2.10 8.70 -20.94
C LEU C 26 3.08 8.63 -19.77
N GLN C 27 3.59 7.44 -19.48
CA GLN C 27 4.35 7.24 -18.26
C GLN C 27 5.78 7.69 -18.43
N SER C 28 6.34 8.14 -17.32
CA SER C 28 7.64 8.76 -17.21
C SER C 28 8.39 8.01 -16.11
N PRO C 29 9.73 8.05 -16.13
CA PRO C 29 10.60 8.71 -17.11
C PRO C 29 10.74 7.82 -18.32
N ILE C 30 11.61 8.28 -19.22
CA ILE C 30 11.85 7.69 -20.54
C ILE C 30 13.32 7.78 -20.93
N ASP C 31 13.79 6.79 -21.70
CA ASP C 31 15.15 6.84 -22.20
C ASP C 31 15.24 7.79 -23.38
N LEU C 32 16.04 8.83 -23.26
CA LEU C 32 16.23 9.78 -24.36
C LEU C 32 17.28 9.25 -25.34
N HIS C 33 16.79 8.81 -26.50
CA HIS C 33 17.57 8.25 -27.57
C HIS C 33 17.11 8.66 -28.94
N SER C 34 18.06 8.67 -29.89
CA SER C 34 17.91 9.27 -31.20
C SER C 34 16.66 8.91 -32.06
N ASP C 35 16.22 7.64 -32.03
CA ASP C 35 15.01 7.20 -32.73
C ASP C 35 13.71 7.91 -32.33
N ILE C 36 13.64 8.40 -31.09
CA ILE C 36 12.41 9.02 -30.57
C ILE C 36 12.52 10.57 -30.47
N LEU C 37 13.66 11.11 -30.90
CA LEU C 37 13.96 12.53 -30.89
C LEU C 37 13.66 13.25 -32.20
N GLN C 38 13.05 14.43 -32.11
CA GLN C 38 12.88 15.30 -33.23
C GLN C 38 13.18 16.76 -32.81
N TYR C 39 13.95 17.44 -33.66
CA TYR C 39 14.17 18.88 -33.52
C TYR C 39 12.87 19.66 -33.75
N ASP C 40 12.63 20.64 -32.87
CA ASP C 40 11.42 21.48 -32.92
C ASP C 40 11.86 22.92 -32.66
N ALA C 41 12.05 23.69 -33.72
CA ALA C 41 12.62 25.06 -33.62
C ALA C 41 11.64 26.11 -33.06
N SER C 42 10.41 25.69 -32.79
CA SER C 42 9.47 26.52 -32.04
C SER C 42 9.69 26.48 -30.51
N LEU C 43 10.50 25.54 -30.04
CA LEU C 43 10.90 25.50 -28.63
C LEU C 43 11.76 26.72 -28.30
N THR C 44 11.23 27.53 -27.37
CA THR C 44 11.87 28.78 -26.97
C THR C 44 12.52 28.61 -25.58
N PRO C 45 13.62 29.37 -25.32
CA PRO C 45 14.18 29.40 -23.97
C PRO C 45 13.08 29.66 -22.96
N LEU C 46 13.11 28.89 -21.87
CA LEU C 46 12.34 29.27 -20.68
C LEU C 46 13.01 30.50 -20.04
N GLU C 47 12.23 31.25 -19.28
CA GLU C 47 12.75 32.33 -18.48
C GLU C 47 12.30 31.99 -17.08
N PHE C 48 13.14 32.22 -16.07
CA PHE C 48 12.84 31.81 -14.70
C PHE C 48 12.72 33.06 -13.82
N GLN C 49 11.59 33.21 -13.14
CA GLN C 49 11.30 34.43 -12.38
C GLN C 49 10.93 34.19 -10.91
N GLY C 50 11.44 35.07 -10.05
CA GLY C 50 11.36 34.84 -8.63
C GLY C 50 12.08 33.55 -8.21
N TYR C 51 13.13 33.18 -8.95
CA TYR C 51 14.06 32.08 -8.60
C TYR C 51 15.04 32.50 -7.49
N ASN C 52 15.35 33.79 -7.44
CA ASN C 52 16.19 34.33 -6.37
C ASN C 52 15.45 34.47 -5.03
N LEU C 53 15.44 33.39 -4.25
CA LEU C 53 14.80 33.41 -2.95
C LEU C 53 15.74 34.10 -1.96
N SER C 54 15.18 34.90 -1.08
CA SER C 54 16.03 35.73 -0.23
C SER C 54 16.53 34.94 0.99
N ALA C 55 17.79 35.19 1.38
CA ALA C 55 18.45 34.55 2.54
C ALA C 55 17.72 34.69 3.90
N ASN C 56 16.83 35.68 3.98
CA ASN C 56 16.18 36.03 5.25
C ASN C 56 14.73 35.54 5.34
N LYS C 57 14.37 34.60 4.47
CA LYS C 57 13.09 33.93 4.49
C LYS C 57 13.34 32.41 4.69
N GLN C 58 12.35 31.72 5.27
CA GLN C 58 12.44 30.28 5.61
C GLN C 58 11.79 29.42 4.55
N PHE C 59 12.37 28.26 4.26
CA PHE C 59 11.76 27.31 3.29
C PHE C 59 11.83 25.88 3.80
N LEU C 60 10.66 25.27 3.93
CA LEU C 60 10.52 23.93 4.50
C LEU C 60 11.18 22.83 3.63
N LEU C 61 12.24 22.22 4.19
CA LEU C 61 12.82 20.97 3.69
C LEU C 61 12.24 19.77 4.43
N THR C 62 11.87 18.74 3.69
CA THR C 62 11.10 17.64 4.23
C THR C 62 11.59 16.33 3.64
N ASN C 63 11.88 15.39 4.54
CA ASN C 63 12.10 14.01 4.15
C ASN C 63 10.71 13.40 4.25
N ASN C 64 10.10 13.10 3.10
CA ASN C 64 8.78 12.52 3.15
C ASN C 64 8.90 11.01 3.06
N GLY C 65 10.14 10.52 3.08
CA GLY C 65 10.40 9.04 3.13
C GLY C 65 10.33 8.38 1.76
N HIS C 66 10.13 9.20 0.76
CA HIS C 66 10.27 8.75 -0.60
C HIS C 66 11.35 9.54 -1.23
N SER C 67 11.56 10.76 -0.72
CA SER C 67 12.62 11.63 -1.20
C SER C 67 12.83 12.77 -0.16
N VAL C 68 13.77 13.63 -0.44
CA VAL C 68 13.84 14.90 0.32
C VAL C 68 13.38 15.97 -0.65
N LYS C 69 12.42 16.80 -0.23
CA LYS C 69 11.94 17.90 -1.05
C LYS C 69 12.11 19.26 -0.36
N LEU C 70 12.52 20.24 -1.13
CA LEU C 70 12.38 21.59 -0.62
C LEU C 70 11.10 22.21 -1.18
N ASN C 71 10.22 22.63 -0.27
CA ASN C 71 9.12 23.51 -0.64
C ASN C 71 9.54 24.86 -1.19
N LEU C 72 8.76 25.35 -2.17
CA LEU C 72 8.98 26.63 -2.89
C LEU C 72 7.72 27.56 -2.96
N PRO C 73 7.93 28.89 -3.07
CA PRO C 73 6.78 29.79 -3.02
C PRO C 73 6.17 29.99 -4.38
N SER C 74 4.85 30.18 -4.39
CA SER C 74 4.06 30.22 -5.61
C SER C 74 4.44 31.36 -6.55
N ASP C 75 5.03 32.43 -5.98
CA ASP C 75 5.43 33.63 -6.73
C ASP C 75 6.57 33.31 -7.69
N MET C 76 7.34 32.30 -7.35
CA MET C 76 8.36 31.76 -8.23
C MET C 76 7.66 31.06 -9.39
N HIS C 77 8.12 31.27 -10.63
CA HIS C 77 7.52 30.65 -11.84
C HIS C 77 8.42 30.62 -13.04
N ILE C 78 7.96 29.86 -14.05
CA ILE C 78 8.59 29.86 -15.35
C ILE C 78 7.65 30.49 -16.36
N GLN C 79 8.27 31.04 -17.40
CA GLN C 79 7.64 31.73 -18.54
C GLN C 79 8.13 31.07 -19.83
N GLY C 80 7.29 31.03 -20.87
CA GLY C 80 7.65 30.44 -22.18
C GLY C 80 6.94 29.12 -22.45
N LEU C 81 6.09 28.71 -21.53
CA LEU C 81 5.14 27.61 -21.81
C LEU C 81 3.79 28.25 -22.01
N GLN C 82 2.90 27.59 -22.73
CA GLN C 82 1.54 28.06 -22.97
C GLN C 82 0.88 28.81 -21.80
N SER C 83 1.07 28.32 -20.59
CA SER C 83 0.49 28.96 -19.40
C SER C 83 1.59 29.25 -18.38
N ARG C 84 1.28 30.06 -17.37
CA ARG C 84 2.26 30.31 -16.33
C ARG C 84 2.36 29.09 -15.39
N TYR C 85 3.57 28.61 -15.18
CA TYR C 85 3.72 27.53 -14.27
C TYR C 85 4.41 28.04 -13.00
N SER C 86 3.73 27.98 -11.86
CA SER C 86 4.34 28.46 -10.61
C SER C 86 4.89 27.28 -9.81
N ALA C 87 6.09 27.49 -9.24
CA ALA C 87 6.78 26.53 -8.41
C ALA C 87 5.98 26.02 -7.20
N THR C 88 6.16 24.75 -6.84
CA THR C 88 5.58 24.20 -5.61
C THR C 88 6.61 23.50 -4.71
N GLN C 89 7.53 22.77 -5.33
CA GLN C 89 8.58 22.01 -4.60
C GLN C 89 9.69 21.52 -5.51
N LEU C 90 10.83 21.20 -4.91
CA LEU C 90 11.92 20.53 -5.59
C LEU C 90 12.37 19.32 -4.82
N HIS C 91 12.86 18.32 -5.55
CA HIS C 91 13.36 17.07 -4.95
C HIS C 91 14.35 16.36 -5.81
N LEU C 92 14.95 15.30 -5.26
CA LEU C 92 15.99 14.57 -5.95
C LEU C 92 15.64 13.07 -6.03
N HIS C 93 16.24 12.41 -7.01
CA HIS C 93 16.36 10.93 -7.03
C HIS C 93 17.79 10.58 -7.20
N TRP C 94 18.18 9.39 -6.72
CA TRP C 94 19.56 8.91 -6.76
C TRP C 94 19.72 7.40 -6.52
N GLY C 95 20.95 6.92 -6.64
CA GLY C 95 21.26 5.47 -6.72
C GLY C 95 21.75 4.99 -5.38
N ASN C 96 22.86 4.26 -5.36
CA ASN C 96 23.40 3.87 -4.07
C ASN C 96 24.90 3.73 -4.18
N PRO C 97 25.60 3.55 -3.05
CA PRO C 97 27.06 3.64 -3.20
C PRO C 97 27.67 2.48 -4.01
N ASN C 98 26.95 1.36 -4.08
CA ASN C 98 27.39 0.20 -4.86
C ASN C 98 27.14 0.45 -6.37
N ASP C 99 26.13 1.25 -6.68
CA ASP C 99 25.80 1.51 -8.07
C ASP C 99 25.35 2.97 -8.26
N PRO C 100 26.30 3.94 -8.31
CA PRO C 100 25.93 5.36 -8.23
C PRO C 100 25.36 5.95 -9.53
N HIS C 101 24.26 5.38 -10.03
CA HIS C 101 23.67 5.79 -11.31
C HIS C 101 22.17 5.74 -11.18
N GLY C 102 21.64 6.80 -10.61
CA GLY C 102 20.29 6.73 -10.05
C GLY C 102 19.40 7.87 -10.50
N SER C 103 19.72 8.44 -11.65
CA SER C 103 18.80 9.37 -12.33
C SER C 103 17.58 8.63 -12.77
N GLU C 104 16.57 9.41 -13.10
CA GLU C 104 15.37 8.81 -13.66
C GLU C 104 15.43 8.72 -15.19
N HIS C 105 15.66 9.83 -15.86
CA HIS C 105 15.77 9.78 -17.34
C HIS C 105 17.14 9.30 -17.69
N THR C 106 17.29 8.64 -18.84
CA THR C 106 18.59 8.20 -19.33
C THR C 106 18.78 8.80 -20.69
N VAL C 107 20.02 8.91 -21.12
CA VAL C 107 20.35 9.54 -22.39
C VAL C 107 21.17 8.53 -23.17
N SER C 108 20.60 7.98 -24.25
CA SER C 108 21.17 6.82 -24.99
C SER C 108 21.55 5.69 -24.05
N GLY C 109 20.66 5.46 -23.10
CA GLY C 109 20.83 4.41 -22.14
C GLY C 109 21.82 4.67 -21.03
N GLN C 110 22.28 5.90 -20.88
CA GLN C 110 23.18 6.16 -19.79
C GLN C 110 22.42 6.73 -18.60
N HIS C 111 22.53 6.06 -17.48
CA HIS C 111 22.06 6.63 -16.23
C HIS C 111 23.05 7.67 -15.80
N PHE C 112 22.56 8.83 -15.33
CA PHE C 112 23.40 9.81 -14.66
C PHE C 112 23.48 9.47 -13.17
N ALA C 113 24.22 10.23 -12.35
CA ALA C 113 24.35 9.90 -10.91
C ALA C 113 23.07 10.13 -10.14
N ALA C 114 22.36 11.18 -10.52
CA ALA C 114 21.20 11.62 -9.79
C ALA C 114 20.47 12.60 -10.70
N GLU C 115 19.29 13.04 -10.25
CA GLU C 115 18.40 13.94 -10.98
C GLU C 115 17.66 14.84 -10.02
N LEU C 116 17.63 16.12 -10.37
CA LEU C 116 16.94 17.14 -9.61
C LEU C 116 15.65 17.48 -10.33
N HIS C 117 14.55 17.52 -9.62
CA HIS C 117 13.28 17.87 -10.22
C HIS C 117 12.73 19.15 -9.62
N ILE C 118 12.54 20.14 -10.48
CA ILE C 118 11.83 21.34 -9.99
C ILE C 118 10.37 21.36 -10.43
N VAL C 119 9.46 21.08 -9.50
CA VAL C 119 8.07 20.93 -9.82
C VAL C 119 7.21 22.22 -9.82
N HIS C 120 6.60 22.55 -10.96
CA HIS C 120 5.65 23.64 -11.01
C HIS C 120 4.27 23.15 -11.25
N TYR C 121 3.27 23.88 -10.72
CA TYR C 121 1.86 23.71 -11.17
C TYR C 121 1.43 24.81 -12.16
N ASN C 122 0.31 24.58 -12.85
CA ASN C 122 -0.27 25.56 -13.77
C ASN C 122 -1.17 26.58 -13.03
N SER C 123 -0.71 27.82 -12.86
CA SER C 123 -1.40 28.83 -11.98
C SER C 123 -2.40 29.73 -12.69
N ASP C 124 -2.54 29.53 -13.99
CA ASP C 124 -3.56 30.25 -14.74
C ASP C 124 -4.89 29.50 -14.60
N LEU C 125 -4.82 28.18 -14.61
CA LEU C 125 -6.00 27.33 -14.61
C LEU C 125 -6.45 26.86 -13.22
N TYR C 126 -5.48 26.61 -12.35
CA TYR C 126 -5.75 25.95 -11.07
C TYR C 126 -5.28 26.78 -9.87
N PRO C 127 -6.01 26.67 -8.74
CA PRO C 127 -5.69 27.39 -7.52
C PRO C 127 -4.44 26.85 -6.82
N ASP C 128 -4.25 25.53 -6.82
CA ASP C 128 -2.96 25.02 -6.34
C ASP C 128 -2.44 23.78 -7.05
N ALA C 129 -1.21 23.39 -6.70
CA ALA C 129 -0.52 22.18 -7.17
C ALA C 129 -1.30 20.88 -6.96
N SER C 130 -1.68 20.61 -5.71
CA SER C 130 -2.48 19.44 -5.37
C SER C 130 -3.71 19.30 -6.27
N THR C 131 -4.46 20.39 -6.45
CA THR C 131 -5.61 20.37 -7.37
C THR C 131 -5.15 20.27 -8.85
N ALA C 132 -4.02 20.89 -9.19
CA ALA C 132 -3.48 20.84 -10.57
C ALA C 132 -3.00 19.43 -10.98
N SER C 133 -2.48 18.69 -10.00
CA SER C 133 -1.81 17.39 -10.19
C SER C 133 -2.65 16.40 -10.96
N ASN C 134 -3.94 16.47 -10.67
CA ASN C 134 -4.90 15.49 -11.08
C ASN C 134 -5.60 15.96 -12.33
N LYS C 135 -5.14 17.09 -12.86
CA LYS C 135 -5.75 17.78 -14.01
C LYS C 135 -4.85 17.84 -15.24
N SER C 136 -5.42 17.98 -16.44
CA SER C 136 -4.59 17.88 -17.64
C SER C 136 -3.63 19.07 -17.89
N GLU C 137 -2.42 18.73 -18.37
CA GLU C 137 -1.32 19.67 -18.42
C GLU C 137 -1.25 20.53 -17.16
N GLY C 138 -1.49 19.87 -16.04
CA GLY C 138 -1.55 20.56 -14.77
C GLY C 138 -0.16 20.93 -14.33
N LEU C 139 0.78 20.04 -14.59
CA LEU C 139 2.14 20.25 -14.09
C LEU C 139 3.21 20.42 -15.15
N ALA C 140 4.31 21.04 -14.73
CA ALA C 140 5.54 21.10 -15.50
C ALA C 140 6.72 20.84 -14.58
N VAL C 141 7.48 19.83 -14.93
CA VAL C 141 8.65 19.55 -14.15
C VAL C 141 9.89 19.91 -14.96
N LEU C 142 10.85 20.62 -14.32
CA LEU C 142 12.21 20.78 -14.88
C LEU C 142 13.13 19.70 -14.34
N ALA C 143 13.90 19.08 -15.21
CA ALA C 143 14.82 18.01 -14.82
C ALA C 143 16.27 18.38 -15.06
N VAL C 144 17.06 18.31 -13.98
CA VAL C 144 18.47 18.52 -14.13
C VAL C 144 19.22 17.23 -13.89
N LEU C 145 19.98 16.75 -14.88
CA LEU C 145 20.82 15.55 -14.72
C LEU C 145 22.11 15.92 -13.98
N ILE C 146 22.51 15.03 -13.05
CA ILE C 146 23.67 15.23 -12.16
C ILE C 146 24.73 14.15 -12.38
N GLU C 147 25.96 14.60 -12.63
CA GLU C 147 27.08 13.71 -12.90
C GLU C 147 28.19 13.97 -11.89
N MET C 148 29.08 13.00 -11.74
N MET C 148 29.10 13.01 -11.79
CA MET C 148 30.15 13.12 -10.74
CA MET C 148 30.19 13.06 -10.81
C MET C 148 31.20 14.07 -11.25
C MET C 148 31.24 14.05 -11.27
N GLY C 149 31.73 14.88 -10.34
CA GLY C 149 32.73 15.88 -10.67
C GLY C 149 33.01 16.77 -9.50
N SER C 150 33.02 18.07 -9.78
CA SER C 150 33.43 19.12 -8.86
C SER C 150 32.45 19.29 -7.75
N PHE C 151 32.96 19.73 -6.59
CA PHE C 151 32.12 20.11 -5.47
C PHE C 151 31.28 21.32 -5.88
N ASN C 152 30.01 21.36 -5.45
CA ASN C 152 29.06 22.30 -6.00
C ASN C 152 28.51 23.08 -4.87
N PRO C 153 28.94 24.37 -4.74
CA PRO C 153 28.52 25.00 -3.50
C PRO C 153 27.02 25.28 -3.46
N SER C 154 26.42 25.48 -4.64
CA SER C 154 24.98 25.76 -4.76
C SER C 154 24.17 24.56 -4.31
N TYR C 155 24.59 23.38 -4.77
CA TYR C 155 24.00 22.15 -4.26
C TYR C 155 24.22 21.94 -2.78
N ASP C 156 25.44 22.17 -2.30
CA ASP C 156 25.72 22.16 -0.85
C ASP C 156 24.59 22.85 -0.07
N LYS C 157 24.13 23.99 -0.57
CA LYS C 157 23.14 24.78 0.16
C LYS C 157 21.93 23.94 0.49
N ILE C 158 21.86 22.77 -0.13
CA ILE C 158 20.85 21.80 0.10
C ILE C 158 21.47 20.59 0.86
N PHE C 159 22.61 20.08 0.38
CA PHE C 159 23.23 18.86 0.92
C PHE C 159 23.73 19.11 2.37
N SER C 160 24.33 20.28 2.57
CA SER C 160 24.78 20.69 3.88
C SER C 160 23.76 20.38 4.99
N HIS C 161 22.46 20.40 4.68
CA HIS C 161 21.41 20.17 5.69
C HIS C 161 20.84 18.76 5.73
N LEU C 162 21.27 17.87 4.83
CA LEU C 162 20.64 16.55 4.74
C LEU C 162 20.78 15.76 6.04
N GLN C 163 22.02 15.65 6.50
CA GLN C 163 22.30 14.99 7.76
C GLN C 163 21.21 15.32 8.75
N HIS C 164 20.68 16.54 8.69
CA HIS C 164 19.64 17.09 9.55
C HIS C 164 18.15 16.81 9.31
N VAL C 165 17.77 15.97 8.34
CA VAL C 165 16.36 15.51 8.10
C VAL C 165 16.26 13.97 7.87
N LYS C 166 16.96 13.22 8.71
CA LYS C 166 17.31 11.82 8.47
C LYS C 166 16.17 10.83 8.18
N TYR C 167 14.98 11.09 8.77
CA TYR C 167 13.87 10.12 8.91
C TYR C 167 12.51 10.63 8.40
N LYS C 168 11.62 9.70 8.07
CA LYS C 168 10.34 10.00 7.42
C LYS C 168 9.48 10.96 8.24
N GLY C 169 9.04 12.05 7.61
CA GLY C 169 8.15 13.03 8.26
C GLY C 169 8.86 14.20 8.93
N GLN C 170 10.19 14.25 8.83
CA GLN C 170 10.98 15.29 9.49
C GLN C 170 11.20 16.50 8.57
N GLU C 171 11.17 17.69 9.18
CA GLU C 171 11.22 18.99 8.48
C GLU C 171 12.22 19.93 9.10
N ALA C 172 13.10 20.48 8.29
CA ALA C 172 14.06 21.48 8.72
C ALA C 172 13.80 22.76 7.94
N PHE C 173 14.60 23.78 8.20
CA PHE C 173 14.53 25.03 7.42
C PHE C 173 15.83 25.37 6.65
N VAL C 174 15.66 25.87 5.44
CA VAL C 174 16.78 26.21 4.58
C VAL C 174 16.68 27.71 4.28
N PRO C 175 17.74 28.47 4.60
CA PRO C 175 17.70 29.85 4.16
C PRO C 175 17.75 29.94 2.62
N GLY C 176 17.06 30.94 2.07
CA GLY C 176 16.89 31.07 0.63
C GLY C 176 18.12 31.41 -0.19
N PHE C 177 18.28 30.66 -1.28
CA PHE C 177 19.22 31.04 -2.30
C PHE C 177 18.55 31.15 -3.64
N ASN C 178 19.37 31.47 -4.64
CA ASN C 178 18.93 31.61 -5.99
C ASN C 178 18.91 30.20 -6.64
N ILE C 179 17.70 29.67 -6.81
CA ILE C 179 17.47 28.34 -7.40
C ILE C 179 18.14 28.23 -8.76
N GLU C 180 18.26 29.34 -9.47
CA GLU C 180 18.89 29.28 -10.80
C GLU C 180 20.32 28.74 -10.70
N GLU C 181 20.93 28.84 -9.51
CA GLU C 181 22.29 28.36 -9.30
C GLU C 181 22.38 26.84 -9.51
N LEU C 182 21.27 26.13 -9.31
CA LEU C 182 21.25 24.67 -9.49
C LEU C 182 21.04 24.25 -10.96
N LEU C 183 20.80 25.22 -11.84
CA LEU C 183 20.52 24.90 -13.25
C LEU C 183 21.85 24.66 -13.97
N PRO C 184 21.81 23.90 -15.08
CA PRO C 184 23.03 23.62 -15.81
C PRO C 184 23.32 24.73 -16.78
N GLU C 185 24.39 24.57 -17.55
CA GLU C 185 24.74 25.54 -18.57
C GLU C 185 23.80 25.29 -19.73
N ARG C 186 23.40 26.35 -20.42
CA ARG C 186 22.75 26.23 -21.73
C ARG C 186 21.28 25.72 -21.63
N THR C 187 20.60 26.17 -20.57
CA THR C 187 19.17 25.93 -20.39
C THR C 187 18.31 26.09 -21.66
N ALA C 188 18.76 26.89 -22.61
CA ALA C 188 18.08 26.92 -23.91
C ALA C 188 17.97 25.52 -24.56
N GLU C 189 18.90 24.62 -24.23
CA GLU C 189 19.05 23.33 -24.89
C GLU C 189 18.43 22.28 -24.02
N TYR C 190 17.33 21.69 -24.48
CA TYR C 190 16.56 20.76 -23.63
C TYR C 190 15.71 19.81 -24.42
N TYR C 191 15.24 18.75 -23.77
CA TYR C 191 14.27 17.81 -24.35
C TYR C 191 12.89 18.10 -23.77
N ARG C 192 11.85 18.03 -24.59
CA ARG C 192 10.51 18.28 -24.07
C ARG C 192 9.55 17.15 -24.44
N TYR C 193 8.70 16.67 -23.51
CA TYR C 193 7.64 15.70 -23.88
C TYR C 193 6.53 15.66 -22.83
N ARG C 194 5.44 14.96 -23.16
CA ARG C 194 4.29 14.80 -22.27
C ARG C 194 4.40 13.51 -21.52
N GLY C 195 4.37 13.59 -20.19
CA GLY C 195 4.71 12.45 -19.44
C GLY C 195 3.85 12.48 -18.22
N SER C 196 4.32 11.83 -17.17
CA SER C 196 3.50 11.63 -16.00
C SER C 196 4.32 11.91 -14.77
N LEU C 197 3.68 11.93 -13.63
CA LEU C 197 4.45 11.90 -12.39
C LEU C 197 5.19 10.54 -12.39
N THR C 198 6.34 10.48 -11.75
CA THR C 198 7.19 9.28 -11.69
C THR C 198 6.98 8.53 -10.37
N THR C 199 6.15 9.07 -9.51
CA THR C 199 5.87 8.40 -8.27
C THR C 199 4.39 8.26 -8.26
N PRO C 200 3.86 7.28 -7.50
CA PRO C 200 2.39 7.28 -7.28
C PRO C 200 1.97 8.69 -6.80
N PRO C 201 0.76 9.17 -7.23
CA PRO C 201 -0.30 8.60 -8.09
C PRO C 201 0.02 8.36 -9.58
N CYS C 202 1.20 8.81 -10.06
CA CYS C 202 1.60 8.68 -11.48
C CYS C 202 0.69 9.32 -12.56
N ASN C 203 -0.19 10.26 -12.16
CA ASN C 203 -1.06 10.96 -13.10
C ASN C 203 -0.32 11.31 -14.36
N PRO C 204 -0.97 11.09 -15.51
CA PRO C 204 -0.44 11.54 -16.80
C PRO C 204 -0.65 13.05 -17.04
N THR C 205 -0.07 13.91 -16.19
CA THR C 205 -0.35 15.33 -16.26
C THR C 205 0.84 16.30 -16.31
N VAL C 206 2.03 15.73 -16.52
CA VAL C 206 3.29 16.47 -16.46
C VAL C 206 3.82 16.78 -17.86
N LEU C 207 4.13 18.05 -18.08
CA LEU C 207 4.97 18.46 -19.19
C LEU C 207 6.41 18.46 -18.68
N TRP C 208 7.21 17.50 -19.15
CA TRP C 208 8.66 17.39 -18.82
C TRP C 208 9.53 18.21 -19.64
N THR C 209 10.48 18.87 -19.00
CA THR C 209 11.60 19.54 -19.65
C THR C 209 12.87 19.00 -18.97
N VAL C 210 13.78 18.44 -19.77
CA VAL C 210 14.97 17.81 -19.26
C VAL C 210 16.10 18.52 -19.96
N PHE C 211 16.93 19.23 -19.20
CA PHE C 211 17.92 20.06 -19.85
C PHE C 211 18.94 19.13 -20.43
N ARG C 212 19.63 19.59 -21.47
CA ARG C 212 20.61 18.77 -22.15
C ARG C 212 21.90 18.53 -21.40
N ASN C 213 22.35 19.58 -20.73
CA ASN C 213 23.59 19.47 -19.98
C ASN C 213 23.42 19.16 -18.52
N PRO C 214 24.29 18.29 -17.99
CA PRO C 214 24.25 17.93 -16.57
C PRO C 214 25.01 18.97 -15.73
N VAL C 215 24.75 18.98 -14.43
CA VAL C 215 25.64 19.64 -13.50
C VAL C 215 26.62 18.60 -12.93
N GLN C 216 27.65 19.07 -12.26
CA GLN C 216 28.61 18.18 -11.62
C GLN C 216 28.54 18.47 -10.12
N ILE C 217 28.28 17.46 -9.29
CA ILE C 217 28.43 17.58 -7.83
C ILE C 217 29.52 16.59 -7.42
N SER C 218 30.14 16.77 -6.25
CA SER C 218 31.30 15.92 -5.93
C SER C 218 31.00 14.48 -5.40
N GLN C 219 32.01 13.63 -5.55
CA GLN C 219 32.03 12.30 -4.97
C GLN C 219 31.51 12.31 -3.54
N GLU C 220 32.06 13.24 -2.75
N GLU C 220 32.00 13.23 -2.72
CA GLU C 220 31.69 13.44 -1.36
CA GLU C 220 31.56 13.24 -1.32
C GLU C 220 30.19 13.75 -1.22
C GLU C 220 30.15 13.83 -1.10
N GLN C 221 29.74 14.78 -1.96
CA GLN C 221 28.32 15.25 -1.96
C GLN C 221 27.30 14.16 -2.39
N LEU C 222 27.59 13.51 -3.49
CA LEU C 222 26.81 12.34 -3.96
C LEU C 222 26.69 11.28 -2.88
N LEU C 223 27.84 10.92 -2.32
CA LEU C 223 27.91 9.91 -1.29
C LEU C 223 27.09 10.30 -0.05
N ALA C 224 27.09 11.59 0.30
CA ALA C 224 26.31 12.11 1.41
C ALA C 224 24.81 12.06 1.14
N LEU C 225 24.43 12.43 -0.08
CA LEU C 225 23.04 12.36 -0.51
C LEU C 225 22.52 10.90 -0.44
N GLU C 226 23.30 9.99 -1.03
CA GLU C 226 23.07 8.51 -0.97
C GLU C 226 22.92 7.88 0.44
N THR C 227 23.52 8.52 1.45
CA THR C 227 23.75 7.87 2.79
C THR C 227 23.03 8.52 3.97
N ALA C 228 22.63 9.77 3.76
CA ALA C 228 22.07 10.63 4.80
C ALA C 228 20.70 10.18 5.28
N LEU C 229 19.89 9.62 4.39
CA LEU C 229 18.49 9.52 4.68
C LEU C 229 17.90 8.09 4.73
N TYR C 230 16.87 7.95 5.56
CA TYR C 230 16.02 6.78 5.72
C TYR C 230 14.60 7.06 5.12
N CYS C 231 13.95 6.02 4.56
CA CYS C 231 12.52 6.05 4.17
C CYS C 231 11.62 5.79 5.38
N THR C 232 12.23 5.48 6.51
CA THR C 232 11.45 5.13 7.70
C THR C 232 11.46 6.20 8.79
N HIS C 233 10.38 6.21 9.58
CA HIS C 233 10.23 7.01 10.79
C HIS C 233 11.34 6.74 11.78
N MET C 234 11.52 7.68 12.70
CA MET C 234 12.37 7.46 13.88
C MET C 234 12.02 6.26 14.77
N ASP C 235 10.74 5.96 15.04
CA ASP C 235 10.46 4.80 15.90
C ASP C 235 10.11 3.48 15.19
N ASP C 236 10.43 3.39 13.90
CA ASP C 236 10.19 2.16 13.13
C ASP C 236 11.29 1.14 13.50
N PRO C 237 10.89 -0.06 13.98
CA PRO C 237 11.83 -1.13 14.37
C PRO C 237 12.73 -1.65 13.21
N SER C 238 12.24 -1.60 11.98
CA SER C 238 13.08 -2.01 10.85
C SER C 238 13.36 -0.85 9.88
N PRO C 239 14.34 0.00 10.21
CA PRO C 239 14.80 1.08 9.33
C PRO C 239 15.18 0.59 7.92
N ARG C 240 15.17 1.52 6.96
CA ARG C 240 15.57 1.25 5.59
C ARG C 240 16.21 2.50 5.00
N GLU C 241 17.42 2.37 4.45
CA GLU C 241 18.10 3.50 3.82
C GLU C 241 17.37 4.02 2.59
N MET C 242 17.44 5.34 2.39
CA MET C 242 16.78 5.93 1.24
C MET C 242 17.78 5.90 0.08
N ILE C 243 17.70 4.83 -0.71
CA ILE C 243 18.56 4.57 -1.88
C ILE C 243 17.72 4.12 -3.07
N ASN C 244 18.22 4.37 -4.28
CA ASN C 244 17.62 3.76 -5.47
C ASN C 244 16.24 4.29 -5.67
N ASN C 245 16.02 5.56 -5.23
CA ASN C 245 14.67 6.10 -5.26
C ASN C 245 14.38 6.73 -6.57
N PHE C 246 14.53 5.93 -7.64
CA PHE C 246 14.26 6.35 -9.03
C PHE C 246 13.36 5.32 -9.71
N ARG C 247 12.55 5.73 -10.67
CA ARG C 247 11.70 4.75 -11.41
C ARG C 247 12.51 4.21 -12.58
N GLN C 248 12.37 2.93 -12.92
CA GLN C 248 12.95 2.50 -14.22
C GLN C 248 12.27 3.22 -15.35
N VAL C 249 12.98 3.38 -16.49
CA VAL C 249 12.36 3.96 -17.73
C VAL C 249 11.21 3.10 -18.30
N GLN C 250 10.34 3.79 -19.03
CA GLN C 250 9.04 3.33 -19.42
C GLN C 250 9.01 3.14 -20.91
N LYS C 251 8.20 2.20 -21.37
CA LYS C 251 7.87 2.11 -22.79
C LYS C 251 7.47 3.49 -23.34
N PHE C 252 7.85 3.75 -24.58
CA PHE C 252 7.60 5.04 -25.17
C PHE C 252 7.21 4.80 -26.61
N ASP C 253 6.05 4.17 -26.79
CA ASP C 253 5.62 3.71 -28.10
C ASP C 253 4.59 4.66 -28.74
N GLU C 254 4.77 4.92 -30.05
CA GLU C 254 3.95 5.86 -30.82
C GLU C 254 4.19 7.27 -30.33
N ARG C 255 5.45 7.62 -30.10
CA ARG C 255 5.71 8.85 -29.37
C ARG C 255 6.98 9.55 -29.71
N LEU C 256 7.07 10.81 -29.28
CA LEU C 256 8.24 11.63 -29.59
C LEU C 256 8.69 12.62 -28.51
N VAL C 257 9.99 12.83 -28.44
CA VAL C 257 10.58 13.82 -27.55
C VAL C 257 11.05 14.89 -28.50
N TYR C 258 10.66 16.12 -28.20
CA TYR C 258 11.08 17.25 -29.01
C TYR C 258 12.29 17.89 -28.39
N THR C 259 13.26 18.29 -29.22
CA THR C 259 14.47 18.91 -28.69
C THR C 259 14.65 20.33 -29.27
N SER C 260 15.20 21.24 -28.46
CA SER C 260 15.39 22.66 -28.82
C SER C 260 16.69 22.85 -29.55
N PHE C 261 17.39 21.72 -29.68
CA PHE C 261 18.73 21.67 -30.24
C PHE C 261 18.86 20.57 -31.32
N SER C 262 19.77 20.78 -32.28
CA SER C 262 20.12 19.74 -33.27
C SER C 262 21.62 19.40 -33.33
N GLN C 263 21.96 18.17 -33.72
CA GLN C 263 23.30 17.61 -33.47
C GLN C 263 24.26 17.58 -34.67
N LYS D 3 -5.76 -10.53 -21.67
CA LYS D 3 -5.41 -10.87 -20.25
C LYS D 3 -4.16 -10.07 -19.91
N TRP D 4 -3.02 -10.48 -20.47
CA TRP D 4 -1.79 -9.69 -20.37
C TRP D 4 -1.26 -9.28 -21.73
N THR D 5 -0.62 -8.11 -21.80
CA THR D 5 0.00 -7.59 -23.05
C THR D 5 1.33 -6.80 -22.78
N TYR D 6 1.84 -6.14 -23.81
CA TYR D 6 3.04 -5.31 -23.70
C TYR D 6 2.68 -3.85 -23.95
N PHE D 7 1.40 -3.62 -24.10
CA PHE D 7 0.90 -2.29 -24.40
C PHE D 7 -0.46 -2.12 -23.78
N GLY D 8 -0.73 -0.90 -23.32
CA GLY D 8 -2.02 -0.57 -22.76
C GLY D 8 -2.20 -0.97 -21.31
N PRO D 9 -3.48 -1.01 -20.87
CA PRO D 9 -3.80 -1.18 -19.45
C PRO D 9 -3.57 -2.60 -18.93
N ASP D 10 -3.27 -3.52 -19.87
CA ASP D 10 -2.81 -4.87 -19.58
C ASP D 10 -1.30 -5.08 -19.85
N GLY D 11 -0.54 -4.01 -20.08
CA GLY D 11 0.91 -4.12 -20.15
C GLY D 11 1.66 -4.35 -18.85
N GLU D 12 2.99 -4.33 -18.93
CA GLU D 12 3.88 -4.83 -17.84
C GLU D 12 3.70 -4.30 -16.39
N ASN D 13 3.27 -3.04 -16.26
CA ASN D 13 3.15 -2.38 -14.95
C ASN D 13 1.88 -2.83 -14.25
N SER D 14 0.97 -3.45 -15.02
CA SER D 14 -0.26 -4.07 -14.49
C SER D 14 -0.18 -5.61 -14.35
N TRP D 15 0.93 -6.21 -14.82
CA TRP D 15 1.07 -7.70 -14.70
C TRP D 15 0.80 -8.18 -13.32
N SER D 16 1.32 -7.43 -12.34
CA SER D 16 1.37 -7.82 -10.95
C SER D 16 0.00 -8.04 -10.39
N LYS D 17 -1.00 -7.48 -11.05
CA LYS D 17 -2.38 -7.46 -10.55
C LYS D 17 -2.98 -8.82 -10.88
N LYS D 18 -2.39 -9.50 -11.85
CA LYS D 18 -2.86 -10.88 -12.18
C LYS D 18 -1.85 -11.98 -11.85
N TYR D 19 -0.57 -11.63 -11.83
CA TYR D 19 0.52 -12.58 -11.61
C TYR D 19 1.45 -12.05 -10.46
N PRO D 20 1.23 -12.54 -9.20
CA PRO D 20 1.98 -12.13 -7.98
C PRO D 20 3.48 -12.00 -8.17
N SER D 21 4.10 -12.93 -8.91
CA SER D 21 5.55 -12.94 -8.98
C SER D 21 6.15 -11.77 -9.75
N CYS D 22 5.38 -11.17 -10.68
CA CYS D 22 5.88 -10.09 -11.54
C CYS D 22 6.14 -8.78 -10.78
N GLY D 23 5.68 -8.73 -9.54
CA GLY D 23 5.90 -7.59 -8.58
C GLY D 23 6.72 -8.06 -7.38
N GLY D 24 7.26 -9.25 -7.50
CA GLY D 24 8.24 -9.78 -6.57
C GLY D 24 9.70 -9.47 -6.85
N LEU D 25 10.56 -10.13 -6.13
CA LEU D 25 11.98 -9.98 -6.34
C LEU D 25 12.47 -10.78 -7.53
N LEU D 26 13.76 -10.55 -7.77
CA LEU D 26 14.63 -11.27 -8.66
C LEU D 26 14.03 -11.31 -10.05
N GLN D 27 13.59 -10.13 -10.50
CA GLN D 27 12.93 -10.03 -11.81
C GLN D 27 13.92 -9.79 -12.92
N SER D 28 13.65 -10.38 -14.09
CA SER D 28 14.48 -10.18 -15.26
C SER D 28 13.63 -9.48 -16.25
N PRO D 29 14.25 -8.91 -17.28
CA PRO D 29 15.65 -8.80 -17.59
C PRO D 29 16.25 -7.54 -16.86
N ILE D 30 17.54 -7.36 -17.04
CA ILE D 30 18.37 -6.41 -16.30
C ILE D 30 19.40 -5.83 -17.24
N ASP D 31 19.89 -4.64 -16.88
CA ASP D 31 20.95 -4.01 -17.64
C ASP D 31 22.32 -4.58 -17.24
N LEU D 32 23.09 -4.98 -18.22
CA LEU D 32 24.38 -5.56 -17.94
C LEU D 32 25.44 -4.49 -17.99
N HIS D 33 25.81 -3.99 -16.83
CA HIS D 33 26.79 -2.90 -16.82
C HIS D 33 27.80 -3.02 -15.75
N SER D 34 28.92 -2.31 -16.00
CA SER D 34 30.18 -2.37 -15.29
C SER D 34 30.05 -2.60 -13.80
N ASP D 35 29.39 -1.64 -13.13
CA ASP D 35 29.28 -1.61 -11.68
C ASP D 35 28.80 -2.89 -11.05
N ILE D 36 27.88 -3.60 -11.71
CA ILE D 36 27.24 -4.75 -11.09
C ILE D 36 27.73 -6.12 -11.61
N LEU D 37 28.61 -6.08 -12.60
CA LEU D 37 29.30 -7.29 -13.05
C LEU D 37 30.39 -7.70 -12.08
N GLN D 38 30.50 -9.00 -11.79
CA GLN D 38 31.65 -9.57 -11.08
C GLN D 38 32.25 -10.73 -11.92
N TYR D 39 33.54 -10.67 -12.24
CA TYR D 39 34.20 -11.79 -12.93
C TYR D 39 34.30 -12.99 -12.00
N ASP D 40 34.10 -14.19 -12.57
CA ASP D 40 33.95 -15.39 -11.76
C ASP D 40 34.61 -16.47 -12.58
N ALA D 41 35.86 -16.79 -12.24
CA ALA D 41 36.64 -17.76 -13.01
C ALA D 41 36.11 -19.21 -12.94
N SER D 42 35.19 -19.49 -12.02
CA SER D 42 34.70 -20.87 -11.90
C SER D 42 33.67 -21.21 -12.99
N LEU D 43 33.20 -20.17 -13.69
CA LEU D 43 32.21 -20.31 -14.73
C LEU D 43 32.79 -20.92 -16.01
N THR D 44 32.66 -22.24 -16.09
CA THR D 44 33.18 -23.07 -17.19
C THR D 44 32.25 -23.08 -18.39
N PRO D 45 32.75 -23.47 -19.56
CA PRO D 45 31.84 -23.41 -20.68
C PRO D 45 30.71 -24.46 -20.63
N LEU D 46 29.53 -24.05 -21.07
CA LEU D 46 28.42 -24.99 -21.12
C LEU D 46 28.65 -25.98 -22.27
N GLU D 47 28.03 -27.15 -22.15
CA GLU D 47 28.06 -28.14 -23.23
C GLU D 47 26.66 -28.35 -23.79
N PHE D 48 26.51 -28.22 -25.09
CA PHE D 48 25.24 -28.40 -25.76
C PHE D 48 25.06 -29.78 -26.40
N GLN D 49 24.11 -30.54 -25.87
CA GLN D 49 23.90 -31.91 -26.33
C GLN D 49 22.55 -32.09 -27.02
N GLY D 50 22.54 -32.82 -28.13
CA GLY D 50 21.30 -33.04 -28.86
C GLY D 50 20.62 -31.81 -29.40
N TYR D 51 21.40 -30.75 -29.63
CA TYR D 51 20.95 -29.54 -30.32
C TYR D 51 20.89 -29.76 -31.85
N ASN D 52 21.62 -30.77 -32.34
CA ASN D 52 21.60 -31.09 -33.78
C ASN D 52 20.37 -31.90 -34.11
N LEU D 53 19.26 -31.18 -34.22
CA LEU D 53 17.96 -31.77 -34.49
C LEU D 53 17.95 -32.56 -35.82
N SER D 54 17.20 -33.65 -35.86
CA SER D 54 17.15 -34.47 -37.10
C SER D 54 16.43 -33.68 -38.20
N ALA D 55 17.05 -33.58 -39.38
CA ALA D 55 16.50 -32.79 -40.50
C ALA D 55 15.12 -33.28 -41.00
N ASN D 56 14.89 -34.57 -40.88
CA ASN D 56 13.63 -35.19 -41.24
C ASN D 56 12.72 -35.48 -40.01
N LYS D 57 12.71 -34.55 -39.05
CA LYS D 57 11.65 -34.48 -38.02
C LYS D 57 11.10 -33.06 -38.08
N GLN D 58 9.82 -32.90 -37.73
CA GLN D 58 9.14 -31.58 -37.83
C GLN D 58 8.99 -31.04 -36.44
N PHE D 59 9.21 -29.73 -36.29
CA PHE D 59 9.08 -29.10 -34.98
C PHE D 59 8.12 -27.93 -35.09
N LEU D 60 7.28 -27.78 -34.07
CA LEU D 60 6.13 -26.94 -34.20
C LEU D 60 6.58 -25.53 -33.92
N LEU D 61 6.14 -24.62 -34.77
CA LEU D 61 6.30 -23.22 -34.56
C LEU D 61 4.91 -22.61 -34.40
N THR D 62 4.70 -21.93 -33.27
CA THR D 62 3.39 -21.39 -32.93
C THR D 62 3.43 -19.87 -32.72
N ASN D 63 2.37 -19.19 -33.16
CA ASN D 63 2.09 -17.81 -32.72
C ASN D 63 1.16 -17.91 -31.54
N ASN D 64 1.68 -17.64 -30.34
CA ASN D 64 0.83 -17.74 -29.17
C ASN D 64 0.26 -16.39 -28.80
N GLY D 65 0.40 -15.43 -29.70
CA GLY D 65 -0.06 -14.04 -29.44
C GLY D 65 0.89 -13.17 -28.63
N HIS D 66 2.01 -13.73 -28.20
CA HIS D 66 2.98 -12.96 -27.37
C HIS D 66 4.34 -12.96 -28.03
N SER D 67 4.66 -14.07 -28.71
CA SER D 67 5.95 -14.26 -29.35
C SER D 67 5.72 -15.32 -30.42
N VAL D 68 6.78 -15.71 -31.11
CA VAL D 68 6.71 -16.85 -32.01
C VAL D 68 7.62 -17.88 -31.37
N LYS D 69 7.07 -19.06 -31.08
CA LYS D 69 7.84 -20.00 -30.30
C LYS D 69 7.97 -21.32 -31.06
N LEU D 70 9.18 -21.87 -31.05
CA LEU D 70 9.42 -23.20 -31.60
C LEU D 70 9.44 -24.19 -30.49
N ASN D 71 8.69 -25.30 -30.64
CA ASN D 71 8.77 -26.40 -29.67
C ASN D 71 10.06 -27.18 -29.82
N LEU D 72 10.71 -27.49 -28.70
CA LEU D 72 11.93 -28.31 -28.73
C LEU D 72 11.80 -29.65 -27.96
N PRO D 73 12.56 -30.68 -28.39
CA PRO D 73 12.46 -32.01 -27.78
C PRO D 73 13.19 -32.12 -26.46
N SER D 74 12.71 -33.00 -25.58
CA SER D 74 13.25 -33.15 -24.23
C SER D 74 14.64 -33.80 -24.14
N ASP D 75 15.13 -34.47 -25.19
CA ASP D 75 16.54 -34.96 -25.17
C ASP D 75 17.62 -33.89 -25.47
N MET D 76 17.20 -32.72 -25.94
CA MET D 76 18.13 -31.62 -26.21
C MET D 76 18.37 -31.06 -24.83
N HIS D 77 19.64 -30.91 -24.45
CA HIS D 77 19.94 -30.44 -23.10
C HIS D 77 21.25 -29.77 -22.91
N ILE D 78 21.31 -29.03 -21.78
CA ILE D 78 22.51 -28.37 -21.26
C ILE D 78 23.25 -29.22 -20.24
N GLN D 79 24.54 -29.32 -20.45
CA GLN D 79 25.41 -30.00 -19.50
C GLN D 79 26.40 -28.98 -18.94
N GLY D 80 26.81 -29.14 -17.69
CA GLY D 80 27.80 -28.24 -17.14
C GLY D 80 27.25 -27.61 -15.89
N LEU D 81 25.93 -27.50 -15.84
CA LEU D 81 25.26 -26.96 -14.66
C LEU D 81 25.12 -28.00 -13.51
N GLN D 82 24.64 -27.57 -12.34
CA GLN D 82 24.51 -28.54 -11.26
C GLN D 82 23.50 -29.61 -11.64
N SER D 83 22.61 -29.27 -12.56
CA SER D 83 21.72 -30.26 -13.21
C SER D 83 21.87 -30.21 -14.70
N ARG D 84 21.60 -31.33 -15.35
CA ARG D 84 21.66 -31.46 -16.81
C ARG D 84 20.30 -31.13 -17.47
N TYR D 85 19.90 -29.87 -17.26
CA TYR D 85 18.79 -29.08 -17.93
C TYR D 85 18.39 -29.32 -19.41
N SER D 86 17.12 -29.60 -19.65
N SER D 86 17.09 -29.54 -19.63
CA SER D 86 16.70 -29.92 -21.00
CA SER D 86 16.55 -30.03 -20.92
C SER D 86 15.70 -28.96 -21.58
C SER D 86 15.63 -29.01 -21.58
N ALA D 87 15.73 -28.87 -22.90
CA ALA D 87 14.99 -27.91 -23.64
C ALA D 87 13.48 -28.14 -23.66
N THR D 88 12.72 -27.04 -23.64
CA THR D 88 11.29 -27.11 -23.84
C THR D 88 10.85 -26.34 -25.11
N GLN D 89 11.39 -25.13 -25.28
CA GLN D 89 11.00 -24.27 -26.37
C GLN D 89 12.00 -23.12 -26.51
N LEU D 90 12.02 -22.50 -27.68
CA LEU D 90 12.77 -21.21 -27.83
C LEU D 90 11.80 -20.20 -28.45
N HIS D 91 12.11 -18.90 -28.29
CA HIS D 91 11.27 -17.82 -28.77
C HIS D 91 12.09 -16.56 -28.82
N LEU D 92 11.49 -15.47 -29.32
CA LEU D 92 12.18 -14.18 -29.46
C LEU D 92 11.40 -12.99 -28.92
N HIS D 93 12.11 -11.88 -28.89
CA HIS D 93 11.56 -10.59 -28.53
C HIS D 93 12.14 -9.58 -29.44
N TRP D 94 11.40 -8.50 -29.66
CA TRP D 94 11.81 -7.50 -30.61
C TRP D 94 11.09 -6.21 -30.46
N GLY D 95 11.58 -5.21 -31.19
CA GLY D 95 11.00 -3.87 -31.13
C GLY D 95 9.96 -3.59 -32.22
N ASN D 96 10.28 -2.67 -33.12
CA ASN D 96 9.37 -2.17 -34.18
C ASN D 96 10.17 -1.38 -35.21
N PRO D 97 9.69 -1.28 -36.46
CA PRO D 97 10.46 -0.64 -37.56
C PRO D 97 10.88 0.83 -37.26
N ASN D 98 10.07 1.50 -36.44
CA ASN D 98 10.30 2.92 -36.10
C ASN D 98 11.34 3.06 -34.99
N ASP D 99 11.51 2.01 -34.19
CA ASP D 99 12.59 1.95 -33.21
C ASP D 99 13.11 0.50 -33.15
N PRO D 100 14.01 0.09 -34.06
CA PRO D 100 14.36 -1.37 -34.10
C PRO D 100 15.34 -1.83 -32.98
N HIS D 101 14.94 -1.69 -31.73
CA HIS D 101 15.78 -1.98 -30.58
C HIS D 101 14.94 -2.64 -29.51
N GLY D 102 14.80 -3.96 -29.61
CA GLY D 102 13.89 -4.64 -28.75
C GLY D 102 14.38 -5.88 -27.99
N SER D 103 15.70 -5.97 -27.74
CA SER D 103 16.26 -6.95 -26.83
C SER D 103 15.65 -6.78 -25.43
N GLU D 104 15.68 -7.84 -24.65
CA GLU D 104 15.18 -7.76 -23.28
C GLU D 104 16.33 -7.30 -22.43
N HIS D 105 17.44 -8.04 -22.46
CA HIS D 105 18.64 -7.55 -21.78
C HIS D 105 19.24 -6.42 -22.55
N THR D 106 19.77 -5.45 -21.80
CA THR D 106 20.58 -4.35 -22.39
C THR D 106 21.99 -4.48 -21.84
N VAL D 107 22.94 -3.83 -22.50
CA VAL D 107 24.34 -3.92 -22.14
C VAL D 107 24.82 -2.47 -22.09
N SER D 108 25.23 -2.01 -20.90
CA SER D 108 25.63 -0.59 -20.69
C SER D 108 24.48 0.34 -21.17
N GLY D 109 23.26 -0.02 -20.79
CA GLY D 109 22.04 0.67 -21.22
C GLY D 109 21.58 0.52 -22.68
N GLN D 110 22.33 -0.24 -23.49
CA GLN D 110 22.03 -0.28 -24.92
C GLN D 110 21.11 -1.45 -25.26
N HIS D 111 19.97 -1.16 -25.93
CA HIS D 111 19.09 -2.23 -26.45
C HIS D 111 19.65 -2.68 -27.76
N PHE D 112 19.85 -4.00 -27.93
CA PHE D 112 20.13 -4.61 -29.23
C PHE D 112 18.81 -4.72 -29.96
N ALA D 113 18.85 -5.16 -31.22
CA ALA D 113 17.68 -5.24 -32.08
C ALA D 113 16.74 -6.28 -31.54
N ALA D 114 17.28 -7.44 -31.18
CA ALA D 114 16.39 -8.51 -30.77
C ALA D 114 17.02 -9.43 -29.75
N GLU D 115 16.23 -10.36 -29.17
CA GLU D 115 16.73 -11.35 -28.24
C GLU D 115 16.08 -12.75 -28.44
N LEU D 116 16.90 -13.79 -28.42
CA LEU D 116 16.45 -15.19 -28.58
C LEU D 116 16.69 -15.93 -27.29
N HIS D 117 15.64 -16.59 -26.80
CA HIS D 117 15.67 -17.29 -25.54
C HIS D 117 15.42 -18.74 -25.79
N ILE D 118 16.33 -19.61 -25.36
CA ILE D 118 16.12 -21.07 -25.48
C ILE D 118 15.95 -21.55 -24.08
N VAL D 119 14.69 -21.89 -23.76
CA VAL D 119 14.26 -22.28 -22.43
C VAL D 119 14.50 -23.80 -22.15
N HIS D 120 15.10 -24.06 -20.99
CA HIS D 120 15.33 -25.39 -20.45
C HIS D 120 14.72 -25.49 -19.08
N TYR D 121 14.35 -26.71 -18.65
CA TYR D 121 13.78 -26.99 -17.33
C TYR D 121 14.70 -27.98 -16.61
N ASN D 122 14.50 -28.10 -15.30
CA ASN D 122 15.31 -28.96 -14.43
C ASN D 122 14.78 -30.37 -14.44
N SER D 123 15.35 -31.24 -15.26
CA SER D 123 14.74 -32.58 -15.46
C SER D 123 15.26 -33.62 -14.50
N ASP D 124 16.25 -33.24 -13.69
CA ASP D 124 16.79 -34.11 -12.67
C ASP D 124 15.82 -34.14 -11.50
N LEU D 125 15.26 -32.97 -11.21
CA LEU D 125 14.39 -32.84 -10.05
C LEU D 125 12.91 -33.00 -10.45
N TYR D 126 12.58 -32.66 -11.69
CA TYR D 126 11.20 -32.38 -12.09
C TYR D 126 10.82 -33.08 -13.40
N PRO D 127 9.52 -33.38 -13.57
CA PRO D 127 8.99 -34.16 -14.71
C PRO D 127 8.92 -33.42 -16.03
N ASP D 128 8.74 -32.10 -15.97
CA ASP D 128 8.36 -31.27 -17.11
C ASP D 128 8.56 -29.80 -16.71
N ALA D 129 8.58 -28.93 -17.70
CA ALA D 129 8.88 -27.51 -17.52
C ALA D 129 7.87 -26.83 -16.65
N SER D 130 6.61 -27.17 -16.90
CA SER D 130 5.45 -26.57 -16.24
C SER D 130 5.55 -26.74 -14.74
N THR D 131 5.85 -27.96 -14.29
CA THR D 131 5.87 -28.26 -12.83
C THR D 131 7.11 -27.67 -12.18
N ALA D 132 8.17 -27.58 -12.98
CA ALA D 132 9.42 -27.01 -12.58
C ALA D 132 9.29 -25.50 -12.48
N SER D 133 8.42 -24.92 -13.32
CA SER D 133 8.34 -23.44 -13.47
C SER D 133 8.28 -22.69 -12.12
N ASN D 134 7.68 -23.30 -11.10
CA ASN D 134 7.45 -22.57 -9.85
C ASN D 134 8.26 -23.14 -8.68
N LYS D 135 9.31 -23.86 -9.01
CA LYS D 135 10.09 -24.49 -7.97
C LYS D 135 11.55 -24.07 -8.02
N SER D 136 12.18 -24.27 -6.87
CA SER D 136 13.60 -24.09 -6.65
C SER D 136 14.39 -24.74 -7.76
N GLU D 137 15.32 -23.95 -8.29
CA GLU D 137 16.28 -24.37 -9.29
C GLU D 137 15.57 -25.00 -10.50
N GLY D 138 14.52 -24.33 -10.97
CA GLY D 138 13.59 -24.97 -11.89
C GLY D 138 13.99 -24.77 -13.34
N LEU D 139 14.35 -23.54 -13.68
CA LEU D 139 14.58 -23.18 -15.08
C LEU D 139 15.98 -22.63 -15.39
N ALA D 140 16.40 -22.85 -16.62
CA ALA D 140 17.66 -22.28 -17.12
C ALA D 140 17.40 -21.85 -18.55
N VAL D 141 17.68 -20.57 -18.83
CA VAL D 141 17.51 -20.02 -20.15
C VAL D 141 18.81 -19.50 -20.75
N LEU D 142 19.01 -19.77 -22.03
CA LEU D 142 20.09 -19.18 -22.83
C LEU D 142 19.51 -17.98 -23.54
N ALA D 143 20.24 -16.85 -23.46
CA ALA D 143 19.86 -15.69 -24.20
C ALA D 143 20.89 -15.36 -25.24
N VAL D 144 20.43 -15.07 -26.42
CA VAL D 144 21.35 -14.61 -27.45
C VAL D 144 20.93 -13.24 -27.91
N LEU D 145 21.87 -12.31 -27.90
CA LEU D 145 21.62 -10.96 -28.27
C LEU D 145 21.73 -10.83 -29.80
N ILE D 146 20.76 -10.17 -30.42
CA ILE D 146 20.68 -10.05 -31.86
C ILE D 146 20.89 -8.64 -32.43
N GLU D 147 21.89 -8.43 -33.27
CA GLU D 147 21.97 -7.13 -33.88
C GLU D 147 21.65 -7.15 -35.35
N MET D 148 21.20 -6.01 -35.85
CA MET D 148 20.89 -5.85 -37.27
C MET D 148 22.21 -5.80 -38.06
N GLY D 149 22.27 -6.51 -39.20
CA GLY D 149 23.55 -6.70 -39.92
C GLY D 149 23.55 -7.72 -41.05
N SER D 150 24.42 -8.72 -40.93
N SER D 150 24.44 -8.71 -40.93
CA SER D 150 24.57 -9.72 -41.98
CA SER D 150 24.60 -9.76 -41.93
C SER D 150 23.42 -10.72 -41.95
C SER D 150 23.42 -10.73 -41.93
N PHE D 151 22.99 -11.12 -43.13
CA PHE D 151 21.99 -12.18 -43.28
C PHE D 151 22.49 -13.42 -42.56
N ASN D 152 21.57 -14.12 -41.90
CA ASN D 152 21.91 -15.26 -41.12
C ASN D 152 21.14 -16.47 -41.65
N PRO D 153 21.81 -17.37 -42.41
CA PRO D 153 21.15 -18.59 -42.86
C PRO D 153 20.42 -19.33 -41.79
N SER D 154 20.98 -19.47 -40.59
CA SER D 154 20.36 -20.34 -39.60
C SER D 154 19.08 -19.75 -39.02
N TYR D 155 19.13 -18.46 -38.66
CA TYR D 155 17.92 -17.81 -38.20
C TYR D 155 16.84 -17.86 -39.30
N ASP D 156 17.22 -17.82 -40.55
CA ASP D 156 16.24 -17.97 -41.64
C ASP D 156 15.58 -19.34 -41.68
N LYS D 157 16.24 -20.36 -41.13
CA LYS D 157 15.53 -21.66 -40.86
C LYS D 157 14.30 -21.54 -39.93
N ILE D 158 14.22 -20.44 -39.16
CA ILE D 158 12.98 -20.15 -38.38
C ILE D 158 12.12 -19.07 -39.09
N PHE D 159 12.73 -17.92 -39.37
CA PHE D 159 12.07 -16.76 -40.00
C PHE D 159 11.34 -17.05 -41.30
N SER D 160 11.92 -17.83 -42.21
CA SER D 160 11.18 -18.27 -43.43
C SER D 160 9.72 -18.74 -43.23
N HIS D 161 9.37 -19.16 -42.01
CA HIS D 161 8.01 -19.70 -41.72
C HIS D 161 7.06 -18.63 -41.21
N LEU D 162 7.57 -17.46 -40.85
CA LEU D 162 6.76 -16.39 -40.26
C LEU D 162 5.45 -16.04 -40.96
N GLN D 163 5.42 -16.09 -42.29
CA GLN D 163 4.17 -15.81 -43.01
C GLN D 163 3.09 -16.90 -42.77
N HIS D 164 3.52 -18.07 -42.32
CA HIS D 164 2.59 -19.15 -41.99
C HIS D 164 2.02 -19.04 -40.59
N VAL D 165 2.62 -18.22 -39.74
CA VAL D 165 2.12 -18.09 -38.38
C VAL D 165 1.76 -16.63 -38.05
N LYS D 166 1.20 -15.91 -39.04
CA LYS D 166 0.86 -14.47 -38.92
C LYS D 166 -0.04 -14.10 -37.73
N TYR D 167 -1.03 -14.95 -37.48
CA TYR D 167 -2.09 -14.62 -36.53
C TYR D 167 -2.03 -15.53 -35.33
N LYS D 168 -2.58 -15.10 -34.19
CA LYS D 168 -2.54 -15.89 -32.92
C LYS D 168 -3.25 -17.22 -33.08
N GLY D 169 -2.59 -18.30 -32.64
CA GLY D 169 -3.14 -19.64 -32.77
C GLY D 169 -2.65 -20.34 -34.02
N GLN D 170 -2.12 -19.55 -34.96
CA GLN D 170 -1.55 -20.17 -36.14
C GLN D 170 -0.22 -20.87 -35.88
N GLU D 171 0.03 -21.90 -36.70
CA GLU D 171 1.14 -22.85 -36.49
C GLU D 171 1.76 -23.34 -37.81
N ALA D 172 3.03 -23.73 -37.71
CA ALA D 172 3.84 -24.17 -38.83
C ALA D 172 4.79 -25.24 -38.29
N PHE D 173 5.27 -26.12 -39.15
CA PHE D 173 6.26 -27.12 -38.73
C PHE D 173 7.57 -26.76 -39.38
N VAL D 174 8.65 -26.95 -38.62
CA VAL D 174 9.98 -26.56 -39.02
C VAL D 174 10.87 -27.80 -39.07
N PRO D 175 11.38 -28.16 -40.24
CA PRO D 175 12.29 -29.31 -40.18
C PRO D 175 13.44 -29.02 -39.23
N GLY D 176 13.91 -30.06 -38.54
CA GLY D 176 15.03 -29.98 -37.60
C GLY D 176 16.30 -29.46 -38.21
N PHE D 177 16.99 -28.58 -37.51
CA PHE D 177 18.28 -28.09 -37.92
C PHE D 177 19.09 -27.96 -36.64
N ASN D 178 20.39 -27.77 -36.76
CA ASN D 178 21.24 -27.58 -35.59
C ASN D 178 21.02 -26.26 -34.83
N ILE D 179 20.40 -26.38 -33.68
CA ILE D 179 20.20 -25.24 -32.75
C ILE D 179 21.48 -24.49 -32.33
N GLU D 180 22.63 -25.16 -32.35
CA GLU D 180 23.93 -24.51 -32.12
C GLU D 180 24.17 -23.35 -33.11
N GLU D 181 23.74 -23.55 -34.36
CA GLU D 181 23.87 -22.53 -35.38
C GLU D 181 23.19 -21.20 -34.98
N LEU D 182 22.32 -21.27 -33.96
CA LEU D 182 21.69 -20.08 -33.42
C LEU D 182 22.55 -19.34 -32.38
N LEU D 183 23.64 -19.98 -31.95
CA LEU D 183 24.52 -19.44 -30.91
C LEU D 183 25.64 -18.57 -31.47
N PRO D 184 26.09 -17.55 -30.69
CA PRO D 184 27.17 -16.66 -31.08
C PRO D 184 28.54 -17.35 -31.00
N GLU D 185 29.59 -16.69 -31.48
CA GLU D 185 30.92 -17.25 -31.18
C GLU D 185 31.29 -17.07 -29.71
N ARG D 186 32.33 -17.79 -29.31
CA ARG D 186 32.78 -17.85 -27.92
C ARG D 186 31.62 -17.93 -26.95
N THR D 187 30.83 -19.03 -27.05
CA THR D 187 29.78 -19.34 -26.05
C THR D 187 30.26 -19.50 -24.59
N ALA D 188 31.54 -19.82 -24.44
CA ALA D 188 32.24 -19.83 -23.16
C ALA D 188 32.17 -18.48 -22.46
N GLU D 189 31.92 -17.44 -23.23
CA GLU D 189 31.96 -16.05 -22.70
C GLU D 189 30.54 -15.60 -22.43
N TYR D 190 30.19 -15.41 -21.16
CA TYR D 190 28.80 -15.10 -20.82
C TYR D 190 28.62 -14.34 -19.53
N TYR D 191 27.47 -13.67 -19.41
CA TYR D 191 26.88 -13.22 -18.13
C TYR D 191 25.98 -14.29 -17.52
N ARG D 192 26.07 -14.42 -16.19
CA ARG D 192 25.27 -15.40 -15.48
C ARG D 192 24.67 -14.77 -14.23
N TYR D 193 23.36 -14.90 -14.05
CA TYR D 193 22.72 -14.41 -12.82
C TYR D 193 21.47 -15.20 -12.57
N ARG D 194 20.98 -15.12 -11.34
CA ARG D 194 19.64 -15.59 -11.01
C ARG D 194 18.56 -14.54 -11.29
N GLY D 195 17.56 -14.92 -12.06
CA GLY D 195 16.37 -14.07 -12.19
C GLY D 195 15.11 -14.86 -12.40
N SER D 196 14.26 -14.33 -13.24
CA SER D 196 12.88 -14.76 -13.35
C SER D 196 12.55 -14.98 -14.76
N LEU D 197 11.32 -15.44 -14.96
CA LEU D 197 10.71 -15.44 -16.26
C LEU D 197 10.46 -13.97 -16.61
N THR D 198 10.68 -13.57 -17.86
CA THR D 198 10.41 -12.16 -18.24
C THR D 198 8.94 -11.92 -18.63
N THR D 199 8.18 -13.00 -18.74
CA THR D 199 6.77 -12.93 -18.96
C THR D 199 6.04 -13.49 -17.79
N PRO D 200 4.77 -13.11 -17.63
CA PRO D 200 3.84 -13.78 -16.73
C PRO D 200 3.94 -15.31 -16.90
N PRO D 201 3.98 -16.08 -15.80
CA PRO D 201 3.82 -15.69 -14.40
C PRO D 201 5.03 -15.07 -13.66
N CYS D 202 6.12 -14.75 -14.35
CA CYS D 202 7.32 -14.11 -13.77
C CYS D 202 8.07 -14.85 -12.63
N ASN D 203 7.96 -16.20 -12.57
CA ASN D 203 8.56 -16.92 -11.44
C ASN D 203 10.05 -16.63 -11.40
N PRO D 204 10.58 -16.41 -10.18
CA PRO D 204 11.97 -16.13 -9.86
C PRO D 204 12.72 -17.45 -9.69
N THR D 205 12.67 -18.25 -10.75
CA THR D 205 13.16 -19.61 -10.70
C THR D 205 14.11 -19.89 -11.89
N VAL D 206 14.63 -18.82 -12.50
CA VAL D 206 15.47 -18.95 -13.69
C VAL D 206 16.95 -18.69 -13.41
N LEU D 207 17.77 -19.68 -13.76
CA LEU D 207 19.19 -19.42 -13.99
C LEU D 207 19.48 -18.87 -15.43
N TRP D 208 19.88 -17.59 -15.51
CA TRP D 208 20.13 -16.94 -16.79
C TRP D 208 21.56 -17.01 -17.24
N THR D 209 21.70 -17.19 -18.53
CA THR D 209 23.00 -17.20 -19.19
C THR D 209 22.77 -16.35 -20.41
N VAL D 210 23.39 -15.18 -20.45
CA VAL D 210 23.37 -14.35 -21.65
C VAL D 210 24.78 -14.39 -22.22
N PHE D 211 24.90 -14.81 -23.47
CA PHE D 211 26.18 -14.78 -24.12
C PHE D 211 26.64 -13.36 -24.40
N ARG D 212 27.93 -13.14 -24.24
CA ARG D 212 28.53 -11.84 -24.41
C ARG D 212 28.41 -11.34 -25.85
N ASN D 213 28.69 -12.26 -26.77
CA ASN D 213 28.75 -11.92 -28.18
C ASN D 213 27.39 -11.97 -28.88
N PRO D 214 27.04 -10.89 -29.62
CA PRO D 214 25.78 -10.90 -30.36
C PRO D 214 25.92 -11.72 -31.66
N VAL D 215 24.80 -12.09 -32.24
CA VAL D 215 24.76 -12.57 -33.61
C VAL D 215 24.14 -11.45 -34.43
N GLN D 216 24.31 -11.52 -35.75
CA GLN D 216 23.64 -10.64 -36.68
C GLN D 216 22.52 -11.36 -37.46
N ILE D 217 21.43 -10.64 -37.72
CA ILE D 217 20.45 -11.00 -38.77
C ILE D 217 20.25 -9.78 -39.69
N SER D 218 19.72 -10.03 -40.89
CA SER D 218 19.67 -9.02 -41.90
C SER D 218 18.56 -8.03 -41.58
N GLN D 219 18.60 -6.87 -42.23
CA GLN D 219 17.56 -5.87 -42.04
C GLN D 219 16.24 -6.44 -42.51
N GLU D 220 16.27 -7.15 -43.65
CA GLU D 220 15.10 -7.86 -44.19
C GLU D 220 14.51 -8.80 -43.17
N GLN D 221 15.37 -9.63 -42.58
CA GLN D 221 14.97 -10.61 -41.59
C GLN D 221 14.37 -9.97 -40.36
N LEU D 222 14.93 -8.82 -39.97
CA LEU D 222 14.48 -8.14 -38.78
C LEU D 222 13.13 -7.56 -39.07
N LEU D 223 13.01 -7.03 -40.29
CA LEU D 223 11.76 -6.38 -40.67
C LEU D 223 10.68 -7.43 -40.80
N ALA D 224 11.05 -8.61 -41.30
CA ALA D 224 10.03 -9.68 -41.38
C ALA D 224 9.52 -9.96 -40.00
N LEU D 225 10.46 -10.10 -39.06
CA LEU D 225 10.15 -10.35 -37.66
C LEU D 225 9.34 -9.24 -36.99
N GLU D 226 9.58 -7.99 -37.37
CA GLU D 226 8.85 -6.87 -36.80
C GLU D 226 7.47 -6.66 -37.39
N THR D 227 7.27 -7.11 -38.65
CA THR D 227 6.00 -6.86 -39.37
C THR D 227 5.08 -8.04 -39.75
N ALA D 228 5.49 -9.30 -39.54
CA ALA D 228 4.65 -10.42 -40.00
C ALA D 228 3.56 -10.81 -38.98
N LEU D 229 3.76 -10.51 -37.70
CA LEU D 229 2.97 -11.15 -36.67
C LEU D 229 1.99 -10.28 -35.95
N TYR D 230 0.81 -10.84 -35.74
CA TYR D 230 -0.25 -10.23 -34.97
C TYR D 230 -0.48 -10.96 -33.65
N CYS D 231 -0.83 -10.19 -32.61
CA CYS D 231 -1.23 -10.76 -31.32
C CYS D 231 -2.66 -11.32 -31.40
N THR D 232 -3.40 -10.98 -32.45
CA THR D 232 -4.80 -11.36 -32.59
C THR D 232 -5.02 -12.55 -33.57
N HIS D 233 -6.18 -13.23 -33.52
CA HIS D 233 -6.48 -14.31 -34.53
C HIS D 233 -6.73 -13.77 -35.91
N MET D 234 -6.77 -14.67 -36.90
CA MET D 234 -7.05 -14.36 -38.32
C MET D 234 -8.36 -13.60 -38.49
N ASP D 235 -9.35 -13.96 -37.68
CA ASP D 235 -10.72 -13.46 -37.77
C ASP D 235 -11.05 -12.30 -36.81
N ASP D 236 -10.12 -11.94 -35.92
CA ASP D 236 -10.23 -10.72 -35.10
C ASP D 236 -10.47 -9.52 -36.03
N PRO D 237 -11.64 -8.86 -35.90
CA PRO D 237 -11.98 -7.80 -36.85
C PRO D 237 -11.20 -6.47 -36.63
N SER D 238 -10.12 -6.54 -35.85
CA SER D 238 -9.20 -5.40 -35.71
C SER D 238 -7.76 -5.83 -35.33
N PRO D 239 -6.91 -6.11 -36.35
CA PRO D 239 -5.52 -6.60 -36.20
C PRO D 239 -4.56 -5.73 -35.36
N ARG D 240 -4.06 -6.33 -34.28
CA ARG D 240 -2.97 -5.77 -33.46
C ARG D 240 -1.67 -6.39 -33.96
N GLU D 241 -0.71 -5.55 -34.33
CA GLU D 241 0.66 -5.95 -34.67
C GLU D 241 1.39 -6.53 -33.45
N MET D 242 2.19 -7.58 -33.69
CA MET D 242 3.05 -8.09 -32.64
C MET D 242 4.37 -7.33 -32.65
N ILE D 243 4.40 -6.25 -31.86
CA ILE D 243 5.59 -5.41 -31.79
C ILE D 243 6.04 -5.13 -30.34
N ASN D 244 7.30 -4.70 -30.19
CA ASN D 244 7.86 -4.33 -28.88
C ASN D 244 7.46 -5.33 -27.81
N ASN D 245 7.59 -6.65 -28.13
CA ASN D 245 7.25 -7.67 -27.14
C ASN D 245 8.44 -8.04 -26.24
N PHE D 246 8.97 -7.03 -25.53
CA PHE D 246 10.07 -7.22 -24.58
C PHE D 246 9.73 -6.49 -23.25
N ARG D 247 10.15 -7.03 -22.11
CA ARG D 247 9.93 -6.32 -20.83
C ARG D 247 11.01 -5.25 -20.61
N GLN D 248 10.66 -4.11 -20.01
CA GLN D 248 11.68 -3.12 -19.55
C GLN D 248 12.62 -3.79 -18.53
N VAL D 249 13.83 -3.27 -18.44
CA VAL D 249 14.81 -3.75 -17.48
C VAL D 249 14.37 -3.47 -16.04
N GLN D 250 14.76 -4.36 -15.15
CA GLN D 250 14.32 -4.42 -13.79
C GLN D 250 15.42 -3.94 -12.85
N LYS D 251 15.02 -3.62 -11.62
CA LYS D 251 15.87 -3.26 -10.51
C LYS D 251 16.45 -4.55 -10.10
N PHE D 252 17.72 -4.47 -9.75
CA PHE D 252 18.45 -5.64 -9.60
C PHE D 252 19.17 -5.23 -8.37
N ASP D 253 18.49 -5.44 -7.24
CA ASP D 253 19.00 -5.07 -5.91
C ASP D 253 19.96 -6.09 -5.37
N GLU D 254 21.17 -5.60 -5.12
CA GLU D 254 22.24 -6.38 -4.48
C GLU D 254 22.41 -7.78 -5.02
N ARG D 255 21.89 -7.99 -6.23
CA ARG D 255 22.36 -9.07 -7.08
C ARG D 255 23.64 -8.56 -7.73
N LEU D 256 24.57 -9.48 -7.98
CA LEU D 256 25.64 -9.28 -8.96
C LEU D 256 25.38 -10.15 -10.21
N VAL D 257 25.86 -9.69 -11.35
CA VAL D 257 25.88 -10.49 -12.54
C VAL D 257 27.31 -10.97 -12.69
N TYR D 258 27.46 -12.27 -12.76
CA TYR D 258 28.77 -12.87 -12.83
C TYR D 258 29.12 -13.10 -14.27
N THR D 259 30.35 -12.79 -14.62
CA THR D 259 30.80 -13.00 -15.99
C THR D 259 31.87 -14.12 -16.05
N SER D 260 31.96 -14.80 -17.18
CA SER D 260 33.00 -15.80 -17.31
C SER D 260 34.23 -15.23 -18.07
N PHE D 261 34.15 -13.96 -18.43
CA PHE D 261 35.18 -13.27 -19.19
C PHE D 261 35.60 -11.97 -18.43
N SER D 262 36.79 -11.47 -18.72
CA SER D 262 37.30 -10.28 -18.05
C SER D 262 37.63 -9.19 -19.06
ZN ZN E . -15.94 13.60 25.75
F20 V14 F . -21.00 15.63 26.08
C5 V14 F . -20.60 14.84 27.11
C4 V14 F . -19.61 13.91 26.80
S7 V14 F . -19.00 13.88 25.17
O9 V14 F . -18.63 15.31 24.77
N10 V14 F . -17.46 13.09 24.74
O8 V14 F . -20.08 13.42 24.17
C3 V14 F . -19.05 13.07 27.74
F12 V14 F . -18.09 12.18 27.38
C2 V14 F . -19.55 13.13 29.03
F13 V14 F . -18.97 12.25 29.88
C6 V14 F . -21.12 14.95 28.42
C1 V14 F . -20.58 14.06 29.39
S11 V14 F . -21.16 14.08 31.10
O16 V14 F . -19.85 13.86 31.85
O17 V14 F . -21.78 12.65 31.32
C15 V14 F . -22.12 15.28 32.09
C18 V14 F . -22.08 16.72 31.59
O21 V14 F . -21.75 17.68 32.56
N19 V14 F . -22.18 15.88 28.75
C14 V14 F . -23.34 16.11 27.86
C28 V14 F . -24.57 15.19 28.10
C27 V14 F . -25.22 15.17 29.48
C26 V14 F . -26.44 16.12 29.49
C25 V14 F . -26.16 17.42 30.22
C24 V14 F . -24.86 18.11 29.82
C23 V14 F . -24.83 18.29 28.30
C22 V14 F . -23.60 17.63 27.67
ZN ZN G . -15.02 -14.59 11.49
F20 V14 H . -16.89 -18.77 14.44
C5 V14 H . -17.74 -18.05 13.69
C4 V14 H . -17.36 -16.74 13.34
S7 V14 H . -15.81 -16.11 13.94
O9 V14 H . -14.58 -16.88 13.43
N10 V14 H . -15.53 -14.47 13.43
O8 V14 H . -15.74 -16.29 15.45
C3 V14 H . -18.20 -15.96 12.53
F12 V14 H . -17.94 -14.71 12.13
C2 V14 H . -19.37 -16.50 12.05
F13 V14 H . -20.17 -15.77 11.27
C6 V14 H . -18.95 -18.61 13.19
C1 V14 H . -19.76 -17.78 12.38
S11 V14 H . -21.33 -18.13 11.58
O16 V14 H . -21.61 -19.57 12.03
O17 V14 H . -20.98 -18.19 10.09
C15 V14 H . -22.84 -17.16 11.67
C18 V14 H . -22.96 -16.69 13.09
O21 V14 H . -24.03 -17.37 13.66
N19 V14 H . -19.33 -19.95 13.56
C14 V14 H . -18.92 -20.61 14.80
C28 V14 H . -19.71 -20.07 16.01
C27 V14 H . -21.20 -20.44 16.01
C26 V14 H . -21.56 -21.33 17.22
C25 V14 H . -20.96 -22.75 17.41
C24 V14 H . -20.28 -23.46 16.25
C23 V14 H . -18.90 -22.89 15.91
C22 V14 H . -18.96 -22.13 14.59
ZN ZN I . 11.11 13.56 -9.29
F20 V14 J . 5.98 15.57 -8.83
C5 V14 J . 6.52 14.74 -7.91
C4 V14 J . 7.50 13.82 -8.30
S7 V14 J . 8.07 13.75 -9.99
O9 V14 J . 8.42 15.17 -10.46
N10 V14 J . 9.59 12.94 -10.36
O8 V14 J . 7.09 13.27 -11.07
C3 V14 J . 8.08 12.98 -7.37
F12 V14 J . 9.04 12.07 -7.69
C2 V14 J . 7.69 13.06 -6.06
F13 V14 J . 8.32 12.19 -5.25
C6 V14 J . 6.10 14.85 -6.57
C1 V14 J . 6.68 13.95 -5.63
S11 V14 J . 6.31 13.94 -3.88
O16 V14 J . 7.72 14.07 -3.31
O17 V14 J . 6.02 12.48 -3.49
C15 V14 J . 5.26 15.11 -2.92
C18 V14 J . 5.46 16.56 -3.39
O21 V14 J . 5.78 17.53 -2.40
N19 V14 J . 5.07 15.81 -6.26
C14 V14 J . 3.96 16.10 -7.21
C28 V14 J . 2.74 15.16 -7.00
C27 V14 J . 2.17 15.05 -5.60
C26 V14 J . 0.83 15.81 -5.61
C25 V14 J . 0.86 17.30 -5.23
C24 V14 J . 2.16 18.09 -5.48
C23 V14 J . 2.41 18.30 -6.98
C22 V14 J . 3.71 17.62 -7.40
ZN ZN K . 11.99 -14.63 -23.56
F20 V14 L . 10.24 -19.01 -20.54
F20 V14 L . 10.13 -18.72 -20.44
C5 V14 L . 9.36 -18.28 -21.30
C5 V14 L . 9.25 -18.02 -21.22
C4 V14 L . 9.69 -16.94 -21.54
C4 V14 L . 9.63 -16.73 -21.64
S7 V14 L . 11.19 -16.24 -20.89
S7 V14 L . 11.21 -16.11 -21.12
O9 V14 L . 12.43 -17.13 -21.13
O9 V14 L . 12.40 -16.97 -21.58
N10 V14 L . 11.60 -14.73 -21.67
N10 V14 L . 11.54 -14.50 -21.73
O8 V14 L . 11.14 -16.05 -19.36
O8 V14 L . 11.34 -16.11 -19.59
C3 V14 L . 8.87 -16.12 -22.30
C3 V14 L . 8.80 -15.96 -22.45
F12 V14 L . 9.19 -14.82 -22.55
F12 V14 L . 9.11 -14.70 -22.90
C2 V14 L . 7.69 -16.65 -22.84
C2 V14 L . 7.58 -16.48 -22.84
F13 V14 L . 6.87 -15.88 -23.59
F13 V14 L . 6.75 -15.75 -23.63
C6 V14 L . 8.17 -18.82 -21.85
C6 V14 L . 8.00 -18.56 -21.62
C1 V14 L . 7.33 -17.96 -22.61
C1 V14 L . 7.18 -17.74 -22.42
S11 V14 L . 5.79 -18.33 -23.45
S11 V14 L . 5.59 -18.19 -23.08
O16 V14 L . 5.48 -19.82 -23.29
O16 V14 L . 4.51 -17.22 -22.58
O17 V14 L . 6.11 -18.29 -24.95
O17 V14 L . 5.09 -19.45 -22.35
C15 V14 L . 4.21 -17.46 -23.19
C15 V14 L . 5.41 -18.28 -24.86
C18 V14 L . 4.15 -16.88 -21.79
C18 V14 L . 5.68 -19.72 -25.27
O21 V14 L . 3.63 -17.82 -20.91
O21 V14 L . 4.48 -20.26 -25.65
N19 V14 L . 7.79 -20.18 -21.60
N19 V14 L . 7.54 -19.86 -21.23
C14 V14 L . 7.60 -20.63 -20.22
C14 V14 L . 8.09 -20.65 -20.15
C28 V14 L . 6.57 -19.75 -19.50
C28 V14 L . 7.29 -20.41 -18.86
C27 V14 L . 5.42 -20.57 -18.96
C27 V14 L . 5.79 -20.52 -19.13
C26 V14 L . 5.82 -21.26 -17.65
C26 V14 L . 5.15 -21.47 -18.12
C25 V14 L . 5.64 -22.79 -17.65
C25 V14 L . 5.89 -22.81 -17.93
C24 V14 L . 6.86 -23.57 -18.12
C24 V14 L . 6.44 -23.40 -19.24
C23 V14 L . 7.88 -22.71 -18.84
C23 V14 L . 7.93 -23.08 -19.39
C22 V14 L . 7.31 -22.14 -20.14
C22 V14 L . 8.13 -22.14 -20.55
#